data_2Y4K
#
_entry.id   2Y4K
#
_cell.length_a   149.646
_cell.length_b   149.646
_cell.length_c   154.112
_cell.angle_alpha   90.00
_cell.angle_beta   90.00
_cell.angle_gamma   120.00
#
_symmetry.space_group_name_H-M   'P 32 2 1'
#
loop_
_entity.id
_entity.type
_entity.pdbx_description
1 polymer 'MANNOSYLGLYCERATE SYNTHASE'
2 non-polymer 'MAGNESIUM ION'
3 non-polymer "GUANOSINE-5'-DIPHOSPHATE"
4 non-polymer 'CHLORIDE ION'
5 non-polymer 'FORMIC ACID'
6 non-polymer 2-AMINO-2-HYDROXYMETHYL-PROPANE-1,3-DIOL
7 water water
#
_entity_poly.entity_id   1
_entity_poly.type   'polypeptide(L)'
_entity_poly.pdbx_seq_one_letter_code
;MSLVVFPFKHEHPEVLLHNVRVAAAHPRVHEVLCIGYERDQTYEAVERAAPEISRATGTPVSVRLQERLGTLRPGKGDGM
NTALRYFLEETQWERIHFYDADITSFGPDWITKAEEAADFGYGLVRHYFPRASTDAMITWMITRTGFALLWPHTELSWIE
QPLGGELLMRREVAAMLYEDERVRRRSDWGIDTLYTFVTVAAGVSIYECYIPEGKAHRLYGGLDDLRTMLVECFAAIQSL
QHEVVGQPAIHRQEHPHRVPVHIAERVGYDVEATLHRLMQHWTPRQVELLELFTTPVREGLRTCQRRPAFNFMDEMAWAA
TYHVLLEHFQPGDPDWEELLFKLWTTRVLNYTMTVALRGYDYAQQYLYRMLGRYRYQAALEN
;
_entity_poly.pdbx_strand_id   A,B
#
loop_
_chem_comp.id
_chem_comp.type
_chem_comp.name
_chem_comp.formula
CL non-polymer 'CHLORIDE ION' 'Cl -1'
FMT non-polymer 'FORMIC ACID' 'C H2 O2'
GDP RNA linking GUANOSINE-5'-DIPHOSPHATE 'C10 H15 N5 O11 P2'
MG non-polymer 'MAGNESIUM ION' 'Mg 2'
TRS non-polymer 2-AMINO-2-HYDROXYMETHYL-PROPANE-1,3-DIOL 'C4 H12 N O3 1'
#
# COMPACT_ATOMS: atom_id res chain seq x y z
N SER A 2 0.71 37.59 -0.34
CA SER A 2 1.31 36.24 -0.47
C SER A 2 0.29 35.11 -0.29
N LEU A 3 0.63 33.94 -0.85
CA LEU A 3 -0.16 32.70 -0.74
C LEU A 3 0.24 31.85 0.47
N VAL A 4 -0.71 31.56 1.35
CA VAL A 4 -0.54 30.59 2.42
C VAL A 4 -1.33 29.27 2.12
N VAL A 5 -0.59 28.17 1.98
CA VAL A 5 -1.13 26.87 1.59
C VAL A 5 -1.18 25.88 2.76
N PHE A 6 -2.30 25.20 2.97
CA PHE A 6 -2.40 24.13 3.95
C PHE A 6 -2.75 22.83 3.22
N PRO A 7 -1.78 21.92 3.04
CA PRO A 7 -2.18 20.60 2.52
C PRO A 7 -2.86 19.81 3.60
N PHE A 8 -3.94 19.10 3.26
CA PHE A 8 -4.68 18.30 4.23
C PHE A 8 -5.11 16.95 3.68
N LYS A 9 -5.35 16.01 4.59
CA LYS A 9 -5.88 14.68 4.27
C LYS A 9 -7.07 14.34 5.19
N HIS A 10 -6.84 13.78 6.37
CA HIS A 10 -7.96 13.36 7.22
C HIS A 10 -8.15 14.13 8.53
N GLU A 11 -7.61 15.34 8.56
CA GLU A 11 -7.58 16.16 9.77
C GLU A 11 -8.97 16.41 10.38
N HIS A 12 -9.03 16.58 11.70
CA HIS A 12 -10.21 17.19 12.33
C HIS A 12 -10.38 18.60 11.73
N PRO A 13 -11.58 18.91 11.19
CA PRO A 13 -11.68 20.18 10.43
C PRO A 13 -11.66 21.44 11.29
N GLU A 14 -12.04 21.35 12.56
CA GLU A 14 -12.08 22.54 13.42
C GLU A 14 -10.68 23.17 13.55
N VAL A 15 -9.68 22.30 13.74
CA VAL A 15 -8.27 22.68 13.91
C VAL A 15 -7.69 23.33 12.65
N LEU A 16 -7.89 22.71 11.49
CA LEU A 16 -7.45 23.31 10.24
C LEU A 16 -8.02 24.71 10.05
N LEU A 17 -9.34 24.84 10.11
CA LEU A 17 -9.99 26.11 9.85
C LEU A 17 -9.53 27.22 10.78
N HIS A 18 -9.16 26.86 12.02
CA HIS A 18 -8.53 27.81 12.91
C HIS A 18 -7.28 28.42 12.29
N ASN A 19 -6.42 27.56 11.75
CA ASN A 19 -5.16 28.01 11.14
C ASN A 19 -5.42 28.82 9.88
N VAL A 20 -6.46 28.44 9.16
CA VAL A 20 -6.85 29.14 7.95
C VAL A 20 -7.30 30.54 8.35
N ARG A 21 -8.05 30.62 9.45
CA ARG A 21 -8.57 31.89 9.92
C ARG A 21 -7.44 32.78 10.45
N VAL A 22 -6.49 32.18 11.17
CA VAL A 22 -5.33 32.94 11.62
C VAL A 22 -4.57 33.46 10.41
N ALA A 23 -4.43 32.62 9.40
CA ALA A 23 -3.72 33.03 8.19
C ALA A 23 -4.46 34.10 7.41
N ALA A 24 -5.79 33.99 7.37
CA ALA A 24 -6.62 34.93 6.62
C ALA A 24 -6.61 36.34 7.24
N ALA A 25 -6.48 36.41 8.57
CA ALA A 25 -6.40 37.68 9.31
C ALA A 25 -5.06 38.45 9.21
N HIS A 26 -4.00 37.77 8.80
CA HIS A 26 -2.66 38.37 8.73
C HIS A 26 -2.52 39.38 7.60
N PRO A 27 -2.01 40.60 7.92
CA PRO A 27 -1.84 41.73 7.00
C PRO A 27 -0.99 41.49 5.75
N ARG A 28 -0.13 40.48 5.76
CA ARG A 28 0.75 40.34 4.60
C ARG A 28 0.31 39.20 3.69
N VAL A 29 -0.79 38.56 4.08
CA VAL A 29 -1.36 37.44 3.33
C VAL A 29 -2.36 37.93 2.29
N HIS A 30 -2.11 37.63 1.02
CA HIS A 30 -3.08 37.98 -0.02
C HIS A 30 -4.17 36.91 -0.21
N GLU A 31 -3.84 35.63 0.03
CA GLU A 31 -4.72 34.49 -0.28
C GLU A 31 -4.36 33.22 0.50
N VAL A 32 -5.36 32.59 1.11
CA VAL A 32 -5.21 31.25 1.70
C VAL A 32 -5.71 30.19 0.72
N LEU A 33 -5.03 29.05 0.68
CA LEU A 33 -5.38 27.94 -0.20
C LEU A 33 -5.26 26.61 0.53
N CYS A 34 -6.34 25.85 0.62
CA CYS A 34 -6.24 24.47 1.06
C CYS A 34 -6.14 23.51 -0.12
N ILE A 35 -5.23 22.55 -0.04
CA ILE A 35 -5.11 21.59 -1.11
C ILE A 35 -5.33 20.22 -0.49
N GLY A 36 -6.41 19.57 -0.91
CA GLY A 36 -6.91 18.37 -0.26
C GLY A 36 -6.60 17.06 -0.96
N TYR A 37 -6.67 15.98 -0.19
CA TYR A 37 -6.39 14.66 -0.71
C TYR A 37 -7.55 14.23 -1.60
N GLU A 38 -8.76 14.26 -1.04
CA GLU A 38 -9.99 13.87 -1.73
C GLU A 38 -11.21 14.63 -1.18
N ARG A 39 -12.33 14.63 -1.93
CA ARG A 39 -13.60 15.17 -1.44
C ARG A 39 -14.19 14.26 -0.33
N ASP A 40 -13.75 14.48 0.91
CA ASP A 40 -14.15 13.65 2.05
C ASP A 40 -14.83 14.47 3.16
N GLN A 41 -15.04 13.86 4.32
CA GLN A 41 -15.65 14.53 5.48
C GLN A 41 -14.98 15.88 5.83
N THR A 42 -13.64 15.88 5.88
CA THR A 42 -12.82 17.08 6.11
C THR A 42 -12.97 18.10 4.98
N TYR A 43 -12.80 17.65 3.73
CA TYR A 43 -12.85 18.53 2.56
C TYR A 43 -14.14 19.34 2.46
N GLU A 44 -15.28 18.66 2.66
CA GLU A 44 -16.62 19.27 2.53
C GLU A 44 -16.82 20.34 3.60
N ALA A 45 -16.56 19.95 4.86
CA ALA A 45 -16.59 20.87 6.02
C ALA A 45 -15.78 22.16 5.79
N VAL A 46 -14.67 22.05 5.05
CA VAL A 46 -13.81 23.18 4.73
C VAL A 46 -14.39 24.01 3.61
N GLU A 47 -14.88 23.34 2.55
CA GLU A 47 -15.53 23.98 1.40
C GLU A 47 -16.72 24.85 1.84
N ARG A 48 -17.46 24.34 2.83
CA ARG A 48 -18.61 25.03 3.42
C ARG A 48 -18.20 26.22 4.26
N ALA A 49 -17.25 26.01 5.17
CA ALA A 49 -16.76 27.07 6.06
C ALA A 49 -15.98 28.20 5.35
N ALA A 50 -15.59 27.95 4.10
CA ALA A 50 -14.65 28.80 3.38
C ALA A 50 -15.11 30.23 3.07
N PRO A 51 -16.13 30.42 2.21
CA PRO A 51 -16.39 31.81 1.75
C PRO A 51 -16.90 32.74 2.88
N GLU A 52 -17.37 32.14 3.98
CA GLU A 52 -17.74 32.85 5.20
C GLU A 52 -16.52 33.59 5.75
N ILE A 53 -15.42 32.85 5.87
CA ILE A 53 -14.14 33.41 6.31
C ILE A 53 -13.54 34.37 5.24
N SER A 54 -13.83 34.13 3.95
CA SER A 54 -13.35 35.02 2.88
C SER A 54 -13.82 36.45 3.01
N ARG A 55 -15.01 36.63 3.57
CA ARG A 55 -15.61 37.97 3.68
C ARG A 55 -15.46 38.55 5.09
N ALA A 56 -15.44 37.67 6.10
CA ALA A 56 -15.17 38.10 7.49
C ALA A 56 -13.76 38.70 7.68
N THR A 57 -12.83 38.37 6.77
CA THR A 57 -11.45 38.87 6.84
C THR A 57 -11.03 39.65 5.59
N GLY A 58 -11.81 39.52 4.52
CA GLY A 58 -11.47 40.18 3.25
C GLY A 58 -10.40 39.48 2.44
N THR A 59 -9.99 38.29 2.88
CA THR A 59 -8.98 37.50 2.18
C THR A 59 -9.58 36.29 1.45
N PRO A 60 -9.36 36.18 0.11
CA PRO A 60 -9.79 35.04 -0.72
C PRO A 60 -9.26 33.66 -0.26
N VAL A 61 -10.17 32.78 0.17
CA VAL A 61 -9.84 31.42 0.61
C VAL A 61 -10.37 30.40 -0.41
N SER A 62 -9.47 29.69 -1.08
CA SER A 62 -9.85 28.68 -2.07
C SER A 62 -9.58 27.27 -1.56
N VAL A 63 -10.50 26.35 -1.85
CA VAL A 63 -10.25 24.92 -1.70
C VAL A 63 -10.12 24.33 -3.10
N ARG A 64 -9.26 23.32 -3.25
CA ARG A 64 -9.02 22.72 -4.54
C ARG A 64 -8.51 21.33 -4.22
N LEU A 65 -8.49 20.46 -5.21
CA LEU A 65 -8.09 19.07 -5.00
C LEU A 65 -6.74 18.83 -5.62
N GLN A 66 -5.96 17.95 -5.01
CA GLN A 66 -4.64 17.68 -5.55
C GLN A 66 -4.73 17.02 -6.93
N GLU A 67 -3.96 17.55 -7.87
CA GLU A 67 -3.87 17.03 -9.22
C GLU A 67 -2.74 16.00 -9.31
N ARG A 68 -3.00 14.90 -10.00
CA ARG A 68 -2.01 13.86 -10.18
C ARG A 68 -0.84 14.41 -10.97
N LEU A 69 0.29 14.70 -10.33
CA LEU A 69 1.42 15.28 -11.09
C LEU A 69 2.70 14.45 -11.18
N GLY A 70 2.79 13.40 -10.38
CA GLY A 70 4.00 12.57 -10.39
C GLY A 70 3.74 11.08 -10.49
N THR A 71 4.84 10.31 -10.62
CA THR A 71 4.81 8.90 -10.98
C THR A 71 4.76 7.88 -9.82
N LEU A 72 4.53 8.34 -8.59
CA LEU A 72 4.67 7.51 -7.38
C LEU A 72 3.36 7.43 -6.60
N ARG A 73 3.30 6.70 -5.48
CA ARG A 73 2.07 6.73 -4.71
C ARG A 73 1.53 8.19 -4.63
N PRO A 74 0.20 8.40 -4.79
CA PRO A 74 -0.25 9.80 -4.75
C PRO A 74 -0.48 10.20 -3.30
N GLY A 75 0.34 11.14 -2.85
CA GLY A 75 0.28 11.63 -1.48
C GLY A 75 0.74 13.06 -1.41
N LYS A 76 1.25 13.45 -0.24
CA LYS A 76 1.63 14.84 0.04
C LYS A 76 2.36 15.54 -1.12
N GLY A 77 3.18 14.82 -1.86
CA GLY A 77 3.91 15.44 -2.98
C GLY A 77 3.03 16.03 -4.09
N ASP A 78 2.00 15.28 -4.49
CA ASP A 78 1.01 15.80 -5.44
C ASP A 78 0.33 17.02 -4.84
N GLY A 79 -0.10 16.93 -3.59
CA GLY A 79 -0.67 18.08 -2.89
C GLY A 79 0.15 19.37 -2.96
N MET A 80 1.45 19.25 -2.75
CA MET A 80 2.29 20.45 -2.64
C MET A 80 2.67 20.90 -4.03
N ASN A 81 2.94 19.94 -4.90
CA ASN A 81 3.20 20.29 -6.26
C ASN A 81 2.02 20.92 -6.97
N THR A 82 0.79 20.59 -6.59
CA THR A 82 -0.32 21.27 -7.27
C THR A 82 -0.53 22.69 -6.72
N ALA A 83 -0.38 22.88 -5.41
CA ALA A 83 -0.30 24.23 -4.85
C ALA A 83 0.79 25.05 -5.52
N LEU A 84 1.91 24.41 -5.84
CA LEU A 84 2.92 25.10 -6.59
C LEU A 84 2.38 25.57 -7.94
N ARG A 85 1.58 24.72 -8.59
CA ARG A 85 1.05 25.02 -9.94
C ARG A 85 -0.01 26.12 -9.86
N TYR A 86 -0.95 25.98 -8.94
CA TYR A 86 -1.90 27.04 -8.68
C TYR A 86 -1.21 28.37 -8.44
N PHE A 87 -0.19 28.38 -7.57
CA PHE A 87 0.58 29.58 -7.23
C PHE A 87 1.16 30.22 -8.48
N LEU A 88 1.81 29.42 -9.31
CA LEU A 88 2.55 29.94 -10.46
C LEU A 88 1.69 30.28 -11.70
N GLU A 89 0.60 29.56 -11.89
CA GLU A 89 -0.21 29.69 -13.10
C GLU A 89 -1.46 30.57 -12.91
N GLU A 90 -2.00 30.62 -11.70
CA GLU A 90 -3.29 31.25 -11.44
C GLU A 90 -3.28 32.42 -10.45
N THR A 91 -2.09 32.86 -10.06
CA THR A 91 -1.91 34.03 -9.19
C THR A 91 -0.61 34.69 -9.58
N GLN A 92 -0.47 35.95 -9.16
CA GLN A 92 0.76 36.70 -9.42
C GLN A 92 1.57 36.94 -8.13
N TRP A 93 1.12 36.38 -7.01
CA TRP A 93 1.77 36.59 -5.71
C TRP A 93 3.29 36.33 -5.72
N GLU A 94 4.00 37.05 -4.85
CA GLU A 94 5.47 37.00 -4.81
C GLU A 94 6.03 35.80 -4.02
N ARG A 95 5.30 35.44 -2.98
CA ARG A 95 5.76 34.46 -2.00
C ARG A 95 4.66 33.49 -1.66
N ILE A 96 5.06 32.25 -1.36
CA ILE A 96 4.14 31.20 -0.97
C ILE A 96 4.62 30.56 0.33
N HIS A 97 3.74 30.49 1.31
CA HIS A 97 3.96 29.71 2.54
C HIS A 97 3.30 28.33 2.46
N PHE A 98 3.93 27.31 3.05
CA PHE A 98 3.28 26.04 3.37
C PHE A 98 3.28 25.81 4.88
N TYR A 99 2.13 25.45 5.42
CA TYR A 99 2.05 25.00 6.80
C TYR A 99 1.19 23.75 6.86
N ASP A 100 1.64 22.78 7.65
CA ASP A 100 0.85 21.58 7.90
C ASP A 100 -0.49 22.00 8.51
N ALA A 101 -1.54 21.26 8.14
CA ALA A 101 -2.90 21.57 8.53
C ALA A 101 -3.24 21.22 10.00
N ASP A 102 -2.40 20.41 10.65
CA ASP A 102 -2.75 19.86 11.96
C ASP A 102 -2.03 20.50 13.15
N ILE A 103 -1.47 21.69 12.93
CA ILE A 103 -0.76 22.45 13.96
C ILE A 103 -1.77 23.07 14.90
N THR A 104 -1.51 22.96 16.20
CA THR A 104 -2.40 23.46 17.25
C THR A 104 -1.82 24.71 17.93
N SER A 105 -0.56 24.98 17.63
CA SER A 105 0.21 26.05 18.27
C SER A 105 0.50 27.23 17.32
N PHE A 106 -0.11 27.20 16.15
CA PHE A 106 0.02 28.23 15.10
C PHE A 106 -0.48 29.60 15.52
N GLY A 107 0.18 30.67 15.03
CA GLY A 107 -0.20 32.06 15.30
C GLY A 107 0.41 32.96 14.25
N PRO A 108 0.06 34.26 14.25
CA PRO A 108 0.55 35.17 13.19
C PRO A 108 2.07 35.36 13.13
N ASP A 109 2.76 35.18 14.25
CA ASP A 109 4.22 35.34 14.28
C ASP A 109 4.88 34.44 13.26
N TRP A 110 4.36 33.22 13.10
CA TRP A 110 4.93 32.25 12.17
C TRP A 110 5.04 32.88 10.81
N ILE A 111 3.98 33.56 10.39
CA ILE A 111 3.93 34.18 9.07
C ILE A 111 4.81 35.42 9.11
N THR A 112 4.62 36.27 10.12
CA THR A 112 5.50 37.44 10.27
C THR A 112 7.01 37.11 10.15
N LYS A 113 7.49 36.15 10.95
CA LYS A 113 8.90 35.80 10.96
C LYS A 113 9.40 35.33 9.61
N ALA A 114 8.59 34.55 8.89
CA ALA A 114 8.99 34.03 7.58
C ALA A 114 9.08 35.16 6.56
N GLU A 115 8.08 36.03 6.63
CA GLU A 115 7.96 37.17 5.74
C GLU A 115 9.11 38.15 5.91
N GLU A 116 9.38 38.51 7.17
CA GLU A 116 10.51 39.38 7.50
C GLU A 116 11.87 38.80 7.11
N ALA A 117 12.04 37.49 7.22
CA ALA A 117 13.31 36.88 6.79
C ALA A 117 13.49 36.91 5.25
N ALA A 118 12.39 36.74 4.52
CA ALA A 118 12.37 36.96 3.07
C ALA A 118 12.69 38.42 2.73
N ASP A 119 12.05 39.37 3.41
CA ASP A 119 12.43 40.80 3.26
C ASP A 119 13.94 40.99 3.36
N PHE A 120 14.55 40.30 4.31
CA PHE A 120 16.00 40.38 4.57
C PHE A 120 16.79 39.87 3.38
N GLY A 121 16.16 39.08 2.51
CA GLY A 121 16.83 38.63 1.29
C GLY A 121 16.91 37.11 1.07
N TYR A 122 16.36 36.32 1.98
CA TYR A 122 16.44 34.87 1.79
C TYR A 122 15.47 34.40 0.72
N GLY A 123 15.88 33.41 -0.07
CA GLY A 123 15.03 32.79 -1.07
C GLY A 123 14.12 31.71 -0.53
N LEU A 124 14.53 31.08 0.58
CA LEU A 124 13.73 30.05 1.24
C LEU A 124 13.86 30.23 2.74
N VAL A 125 12.73 30.22 3.42
CA VAL A 125 12.72 30.18 4.86
C VAL A 125 12.12 28.85 5.31
N ARG A 126 12.85 28.07 6.12
CA ARG A 126 12.31 26.83 6.70
C ARG A 126 12.06 27.06 8.18
N HIS A 127 10.99 26.51 8.74
CA HIS A 127 10.78 26.61 10.18
C HIS A 127 11.31 25.33 10.81
N TYR A 128 11.90 25.42 11.99
CA TYR A 128 12.33 24.20 12.69
C TYR A 128 11.96 24.30 14.13
N PHE A 129 11.86 23.13 14.79
CA PHE A 129 11.21 23.01 16.12
C PHE A 129 12.01 22.17 17.07
N PRO A 130 11.83 22.41 18.39
CA PRO A 130 12.41 21.47 19.34
C PRO A 130 11.71 20.11 19.24
N ARG A 131 12.45 19.03 19.41
CA ARG A 131 11.87 17.70 19.27
C ARG A 131 12.30 16.78 20.41
N ALA A 132 11.52 15.74 20.69
CA ALA A 132 11.99 14.82 21.73
C ALA A 132 13.10 13.93 21.15
N SER A 133 13.92 13.42 22.03
CA SER A 133 15.07 12.61 21.68
C SER A 133 14.70 11.34 20.88
N THR A 134 13.46 10.86 20.99
CA THR A 134 12.99 9.70 20.24
C THR A 134 12.04 10.07 19.08
N ASP A 135 11.92 11.36 18.83
CA ASP A 135 11.21 11.86 17.66
C ASP A 135 12.18 11.95 16.52
N ALA A 136 11.66 12.04 15.30
CA ALA A 136 12.44 12.41 14.13
C ALA A 136 13.52 11.40 13.77
N MET A 137 13.26 10.13 13.98
CA MET A 137 14.23 9.10 13.68
C MET A 137 14.42 8.86 12.18
N ILE A 138 13.43 9.27 11.39
CA ILE A 138 13.62 9.25 9.95
C ILE A 138 14.50 10.45 9.59
N THR A 139 14.10 11.64 10.03
CA THR A 139 14.97 12.78 9.83
C THR A 139 16.42 12.46 10.11
N TRP A 140 16.71 11.87 11.29
CA TRP A 140 18.10 11.68 11.68
C TRP A 140 18.75 10.48 11.03
N MET A 141 18.09 9.34 11.05
CA MET A 141 18.81 8.12 10.67
C MET A 141 18.72 7.87 9.17
N ILE A 142 17.80 8.54 8.49
CA ILE A 142 17.67 8.38 7.06
C ILE A 142 18.10 9.58 6.24
N THR A 143 17.47 10.71 6.45
CA THR A 143 17.64 11.86 5.56
C THR A 143 18.99 12.58 5.85
N ARG A 144 19.13 13.08 7.09
CA ARG A 144 20.36 13.79 7.50
C ARG A 144 21.54 12.87 7.37
N THR A 145 21.39 11.61 7.74
CA THR A 145 22.48 10.63 7.60
C THR A 145 22.87 10.42 6.13
N GLY A 146 21.87 10.28 5.24
CA GLY A 146 22.15 10.08 3.82
C GLY A 146 22.84 11.29 3.22
N PHE A 147 22.28 12.48 3.46
CA PHE A 147 22.89 13.72 3.03
C PHE A 147 24.36 13.76 3.48
N ALA A 148 24.61 13.36 4.72
CA ALA A 148 25.98 13.46 5.22
C ALA A 148 26.89 12.47 4.56
N LEU A 149 26.39 11.27 4.26
CA LEU A 149 27.26 10.26 3.68
C LEU A 149 27.48 10.49 2.19
N LEU A 150 26.54 11.19 1.55
CA LEU A 150 26.53 11.29 0.09
C LEU A 150 27.10 12.64 -0.40
N TRP A 151 26.80 13.72 0.33
CA TRP A 151 27.30 15.05 0.04
C TRP A 151 27.95 15.71 1.28
N PRO A 152 29.02 15.10 1.79
CA PRO A 152 29.57 15.57 3.09
C PRO A 152 30.04 17.00 3.06
N HIS A 153 30.40 17.52 1.87
CA HIS A 153 30.98 18.86 1.79
C HIS A 153 29.90 19.88 1.63
N THR A 154 28.64 19.48 1.49
CA THR A 154 27.62 20.45 1.23
C THR A 154 26.87 20.89 2.48
N GLU A 155 26.01 21.85 2.28
CA GLU A 155 25.08 22.31 3.27
C GLU A 155 23.88 21.31 3.58
N LEU A 156 23.72 20.29 2.74
CA LEU A 156 22.57 19.34 2.86
C LEU A 156 22.36 18.75 4.27
N SER A 157 23.39 18.12 4.83
CA SER A 157 23.25 17.50 6.12
C SER A 157 23.15 18.49 7.28
N TRP A 158 23.25 19.80 7.00
CA TRP A 158 23.17 20.84 8.03
C TRP A 158 21.82 21.45 8.14
N ILE A 159 20.92 21.11 7.23
CA ILE A 159 19.55 21.60 7.33
C ILE A 159 18.95 20.90 8.56
N GLU A 160 18.31 21.65 9.44
CA GLU A 160 17.80 21.07 10.68
C GLU A 160 16.64 20.11 10.50
N GLN A 161 15.59 20.55 9.76
CA GLN A 161 14.41 19.72 9.50
C GLN A 161 14.09 19.58 8.03
N PRO A 162 14.89 18.77 7.33
CA PRO A 162 14.76 18.64 5.89
C PRO A 162 13.49 17.88 5.49
N LEU A 163 12.77 17.27 6.44
CA LEU A 163 11.46 16.71 6.11
C LEU A 163 10.34 17.66 6.51
N GLY A 164 10.71 18.87 6.92
CA GLY A 164 9.77 19.84 7.47
C GLY A 164 8.91 20.43 6.37
N GLY A 165 7.62 20.54 6.64
CA GLY A 165 6.70 21.10 5.68
C GLY A 165 6.25 22.52 6.00
N GLU A 166 6.90 23.17 6.95
CA GLU A 166 6.62 24.58 7.24
C GLU A 166 7.72 25.39 6.57
N LEU A 167 7.37 26.11 5.52
CA LEU A 167 8.37 26.89 4.83
C LEU A 167 7.77 28.03 4.03
N LEU A 168 8.63 28.92 3.54
CA LEU A 168 8.23 29.99 2.63
C LEU A 168 9.20 29.99 1.45
N MET A 169 8.67 30.10 0.22
CA MET A 169 9.53 30.27 -0.97
C MET A 169 9.24 31.58 -1.67
N ARG A 170 10.27 32.19 -2.26
CA ARG A 170 10.05 33.29 -3.21
C ARG A 170 9.59 32.66 -4.52
N ARG A 171 8.85 33.45 -5.31
CA ARG A 171 8.24 32.99 -6.56
C ARG A 171 9.23 32.24 -7.47
N GLU A 172 10.42 32.77 -7.69
CA GLU A 172 11.38 32.10 -8.58
C GLU A 172 11.92 30.77 -8.04
N VAL A 173 11.79 30.57 -6.73
CA VAL A 173 12.16 29.31 -6.09
C VAL A 173 11.05 28.28 -6.33
N ALA A 174 9.83 28.68 -6.04
CA ALA A 174 8.65 27.89 -6.42
C ALA A 174 8.71 27.42 -7.89
N ALA A 175 9.15 28.32 -8.78
CA ALA A 175 9.15 28.07 -10.22
C ALA A 175 10.24 27.11 -10.58
N MET A 176 11.43 27.35 -10.05
CA MET A 176 12.57 26.48 -10.28
C MET A 176 12.28 25.03 -9.86
N LEU A 177 11.51 24.88 -8.78
CA LEU A 177 11.14 23.57 -8.25
C LEU A 177 10.02 22.90 -9.05
N TYR A 178 9.04 23.70 -9.47
CA TYR A 178 8.04 23.19 -10.37
C TYR A 178 8.62 22.67 -11.68
N GLU A 179 9.53 23.44 -12.25
CA GLU A 179 10.19 23.08 -13.51
C GLU A 179 11.12 21.87 -13.39
N ASP A 180 11.33 21.39 -12.16
CA ASP A 180 12.26 20.27 -11.94
C ASP A 180 11.60 18.88 -11.97
N GLU A 181 12.12 18.03 -12.85
CA GLU A 181 11.58 16.69 -13.13
C GLU A 181 11.61 15.79 -11.88
N ARG A 182 12.75 15.76 -11.20
CA ARG A 182 12.93 14.90 -10.02
C ARG A 182 11.92 15.24 -8.95
N VAL A 183 11.57 16.54 -8.88
CA VAL A 183 10.62 17.09 -7.92
C VAL A 183 9.21 16.79 -8.33
N ARG A 184 8.87 17.10 -9.59
CA ARG A 184 7.49 16.92 -10.09
C ARG A 184 7.06 15.47 -9.93
N ARG A 185 7.99 14.57 -10.24
CA ARG A 185 7.84 13.13 -10.11
C ARG A 185 7.48 12.72 -8.66
N ARG A 186 7.95 13.48 -7.68
CA ARG A 186 7.95 12.98 -6.30
C ARG A 186 6.63 13.22 -5.63
N SER A 187 5.68 12.33 -5.88
CA SER A 187 4.27 12.57 -5.54
C SER A 187 3.96 12.15 -4.12
N ASP A 188 4.86 11.34 -3.56
CA ASP A 188 4.60 10.68 -2.27
C ASP A 188 5.21 11.50 -1.09
N TRP A 189 5.51 10.82 0.01
CA TRP A 189 6.16 11.46 1.16
C TRP A 189 7.57 12.04 0.83
N GLY A 190 8.20 11.60 -0.26
CA GLY A 190 9.51 12.08 -0.64
C GLY A 190 9.58 13.55 -1.02
N ILE A 191 8.45 14.24 -1.05
CA ILE A 191 8.45 15.61 -1.60
C ILE A 191 9.35 16.56 -0.79
N ASP A 192 9.26 16.52 0.54
CA ASP A 192 10.05 17.42 1.40
C ASP A 192 11.54 17.20 1.18
N THR A 193 11.95 15.94 1.10
CA THR A 193 13.33 15.64 0.78
C THR A 193 13.71 16.34 -0.52
N LEU A 194 12.85 16.25 -1.53
CA LEU A 194 13.19 16.80 -2.86
C LEU A 194 13.28 18.33 -2.85
N TYR A 195 12.34 18.97 -2.18
CA TYR A 195 12.42 20.42 -2.01
C TYR A 195 13.76 20.79 -1.32
N THR A 196 14.10 20.05 -0.27
CA THR A 196 15.31 20.36 0.47
C THR A 196 16.51 20.24 -0.44
N PHE A 197 16.64 19.09 -1.09
CA PHE A 197 17.83 18.82 -1.91
C PHE A 197 17.94 19.83 -3.05
N VAL A 198 16.83 20.11 -3.71
CA VAL A 198 16.91 20.88 -4.91
C VAL A 198 17.13 22.37 -4.59
N THR A 199 16.44 22.91 -3.60
CA THR A 199 16.72 24.30 -3.22
C THR A 199 18.19 24.48 -2.84
N VAL A 200 18.77 23.52 -2.13
CA VAL A 200 20.18 23.63 -1.72
C VAL A 200 21.14 23.51 -2.92
N ALA A 201 20.92 22.48 -3.74
CA ALA A 201 21.77 22.25 -4.90
C ALA A 201 21.70 23.40 -5.94
N ALA A 202 20.60 24.17 -5.92
CA ALA A 202 20.44 25.31 -6.83
C ALA A 202 21.03 26.62 -6.25
N GLY A 203 21.65 26.53 -5.07
CA GLY A 203 22.20 27.70 -4.41
C GLY A 203 21.17 28.71 -3.98
N VAL A 204 19.96 28.27 -3.67
CA VAL A 204 19.02 29.17 -3.02
C VAL A 204 19.55 29.56 -1.62
N SER A 205 19.31 30.79 -1.22
CA SER A 205 19.79 31.23 0.06
C SER A 205 18.70 30.90 1.10
N ILE A 206 19.12 30.24 2.19
CA ILE A 206 18.20 29.61 3.14
C ILE A 206 18.33 30.11 4.56
N TYR A 207 17.21 30.48 5.18
CA TYR A 207 17.20 30.80 6.58
C TYR A 207 16.26 29.87 7.36
N GLU A 208 16.67 29.46 8.56
CA GLU A 208 15.82 28.58 9.38
C GLU A 208 15.37 29.34 10.64
N CYS A 209 14.08 29.67 10.74
CA CYS A 209 13.48 30.24 11.95
C CYS A 209 13.16 29.15 12.93
N TYR A 210 13.36 29.46 14.20
CA TYR A 210 13.10 28.56 15.27
C TYR A 210 11.75 28.89 15.87
N ILE A 211 10.89 27.87 15.92
CA ILE A 211 9.57 27.99 16.50
C ILE A 211 9.57 27.30 17.88
N PRO A 212 9.66 28.10 18.94
CA PRO A 212 9.83 27.57 20.28
C PRO A 212 8.60 26.82 20.77
N GLU A 213 7.40 27.23 20.33
CA GLU A 213 6.15 26.57 20.73
C GLU A 213 6.36 25.08 20.60
N GLY A 214 7.12 24.71 19.58
CA GLY A 214 7.23 23.33 19.17
C GLY A 214 6.06 23.05 18.26
N LYS A 215 6.01 21.84 17.73
CA LYS A 215 4.90 21.35 16.91
C LYS A 215 4.30 20.18 17.68
N ALA A 216 3.00 19.91 17.48
CA ALA A 216 2.34 18.77 18.15
C ALA A 216 2.27 17.54 17.21
N HIS A 217 2.82 16.42 17.68
CA HIS A 217 2.83 15.18 16.88
C HIS A 217 1.74 14.19 17.34
N ARG A 218 1.17 13.46 16.37
CA ARG A 218 0.22 12.34 16.58
C ARG A 218 0.63 11.35 17.70
N LEU A 219 -0.39 10.73 18.29
CA LEU A 219 -0.21 9.63 19.28
C LEU A 219 0.51 8.50 18.57
N TYR A 220 1.52 7.91 19.23
CA TYR A 220 2.25 6.82 18.59
C TYR A 220 2.02 5.44 19.16
N GLY A 221 1.98 4.48 18.24
CA GLY A 221 2.16 3.08 18.57
C GLY A 221 3.61 2.72 18.34
N GLY A 222 3.81 1.58 17.71
CA GLY A 222 5.12 1.19 17.26
C GLY A 222 5.59 2.02 16.09
N LEU A 223 6.85 1.86 15.78
CA LEU A 223 7.46 2.51 14.66
C LEU A 223 6.74 2.21 13.34
N ASP A 224 6.02 1.07 13.29
CA ASP A 224 5.29 0.71 12.05
C ASP A 224 4.29 1.77 11.59
N ASP A 225 3.88 2.65 12.48
CA ASP A 225 3.04 3.76 12.05
C ASP A 225 3.79 4.65 11.03
N LEU A 226 5.12 4.53 10.97
CA LEU A 226 5.93 5.36 10.07
C LEU A 226 6.55 4.61 8.89
N ARG A 227 6.14 3.36 8.72
CA ARG A 227 6.74 2.48 7.74
C ARG A 227 6.70 3.03 6.30
N THR A 228 5.57 3.59 5.89
CA THR A 228 5.44 4.11 4.53
C THR A 228 6.30 5.33 4.32
N MET A 229 6.20 6.28 5.24
CA MET A 229 7.08 7.46 5.24
C MET A 229 8.53 7.00 5.14
N LEU A 230 8.88 6.03 5.96
CA LEU A 230 10.25 5.55 5.98
C LEU A 230 10.72 5.08 4.62
N VAL A 231 9.92 4.24 3.98
CA VAL A 231 10.27 3.63 2.70
C VAL A 231 10.39 4.73 1.67
N GLU A 232 9.48 5.70 1.74
CA GLU A 232 9.46 6.74 0.73
C GLU A 232 10.57 7.76 0.93
N CYS A 233 10.82 8.14 2.17
CA CYS A 233 11.93 9.02 2.47
C CYS A 233 13.27 8.39 2.08
N PHE A 234 13.42 7.09 2.29
CA PHE A 234 14.65 6.48 1.89
C PHE A 234 14.78 6.38 0.38
N ALA A 235 13.69 6.00 -0.31
CA ALA A 235 13.72 5.92 -1.79
C ALA A 235 14.10 7.28 -2.37
N ALA A 236 13.57 8.36 -1.79
CA ALA A 236 13.98 9.69 -2.29
C ALA A 236 15.48 9.88 -2.19
N ILE A 237 16.05 9.60 -1.03
CA ILE A 237 17.48 9.75 -0.93
C ILE A 237 18.17 8.88 -1.98
N GLN A 238 17.75 7.61 -2.07
CA GLN A 238 18.41 6.69 -2.99
C GLN A 238 18.30 7.18 -4.46
N SER A 239 17.21 7.87 -4.80
CA SER A 239 16.98 8.29 -6.19
C SER A 239 17.88 9.47 -6.53
N LEU A 240 18.41 10.12 -5.50
CA LEU A 240 19.30 11.23 -5.69
C LEU A 240 20.74 10.83 -5.58
N GLN A 241 21.02 9.58 -5.26
CA GLN A 241 22.38 9.24 -4.85
C GLN A 241 23.50 9.58 -5.85
N HIS A 242 23.15 9.79 -7.13
CA HIS A 242 24.16 10.01 -8.16
C HIS A 242 24.21 11.47 -8.58
N GLU A 243 23.30 12.28 -8.06
CA GLU A 243 23.25 13.69 -8.36
C GLU A 243 24.45 14.44 -7.80
N VAL A 244 24.76 15.55 -8.45
CA VAL A 244 25.94 16.34 -8.08
C VAL A 244 25.40 17.69 -7.61
N VAL A 245 26.10 18.27 -6.65
CA VAL A 245 25.64 19.52 -6.05
C VAL A 245 26.62 20.56 -6.50
N GLY A 246 26.13 21.55 -7.25
CA GLY A 246 27.01 22.33 -8.12
C GLY A 246 27.70 23.54 -7.50
N GLN A 247 27.09 24.06 -6.43
CA GLN A 247 27.38 25.40 -5.98
C GLN A 247 27.03 25.47 -4.52
N PRO A 248 27.59 26.46 -3.80
CA PRO A 248 27.30 26.53 -2.37
C PRO A 248 26.04 27.35 -2.16
N ALA A 249 25.61 27.46 -0.92
CA ALA A 249 24.42 28.24 -0.59
C ALA A 249 24.67 29.04 0.70
N ILE A 250 24.24 30.29 0.74
CA ILE A 250 24.14 30.99 2.01
C ILE A 250 23.09 30.23 2.83
N HIS A 251 23.50 29.78 4.02
CA HIS A 251 22.60 29.06 4.91
C HIS A 251 22.80 29.48 6.37
N ARG A 252 21.75 30.02 6.98
CA ARG A 252 21.87 30.57 8.33
C ARG A 252 20.67 30.12 9.12
N GLN A 253 20.82 30.00 10.42
CA GLN A 253 19.73 29.48 11.26
C GLN A 253 19.60 30.25 12.55
N GLU A 254 18.36 30.62 12.84
CA GLU A 254 18.06 31.31 14.07
C GLU A 254 18.54 30.44 15.25
N HIS A 255 19.23 31.04 16.19
CA HIS A 255 19.73 30.33 17.36
C HIS A 255 18.58 29.71 18.17
N PRO A 256 18.63 28.39 18.42
CA PRO A 256 17.55 27.66 19.13
C PRO A 256 17.48 28.00 20.63
N HIS A 257 16.27 28.10 21.18
CA HIS A 257 16.08 28.27 22.64
C HIS A 257 16.27 26.90 23.29
N ARG A 258 16.38 26.89 24.62
CA ARG A 258 16.28 25.68 25.43
C ARG A 258 14.93 24.96 25.14
N VAL A 259 15.01 23.66 24.83
CA VAL A 259 13.84 22.79 24.62
C VAL A 259 12.84 22.99 25.74
N PRO A 260 11.56 23.21 25.40
CA PRO A 260 10.55 23.22 26.47
C PRO A 260 10.49 21.85 27.17
N VAL A 261 10.38 21.90 28.50
CA VAL A 261 10.26 20.72 29.33
C VAL A 261 9.19 19.73 28.85
N HIS A 262 8.00 20.21 28.49
CA HIS A 262 6.98 19.26 28.01
C HIS A 262 7.35 18.55 26.71
N ILE A 263 8.27 19.11 25.92
CA ILE A 263 8.71 18.44 24.71
C ILE A 263 9.85 17.48 25.03
N ALA A 264 10.75 17.86 25.93
CA ALA A 264 11.84 16.97 26.29
C ALA A 264 11.29 15.69 26.96
N GLU A 265 10.17 15.80 27.66
CA GLU A 265 9.63 14.73 28.51
C GLU A 265 8.58 13.84 27.83
N ARG A 266 8.41 13.96 26.51
CA ARG A 266 7.57 13.07 25.74
C ARG A 266 8.42 11.83 25.27
N VAL A 267 7.79 10.65 25.16
CA VAL A 267 8.43 9.43 24.58
C VAL A 267 7.74 9.23 23.24
N GLY A 268 8.53 9.07 22.18
CA GLY A 268 8.01 9.14 20.79
C GLY A 268 7.25 7.92 20.26
N TYR A 269 7.42 6.77 20.93
CA TYR A 269 6.90 5.55 20.36
C TYR A 269 6.81 4.41 21.39
N ASP A 270 5.95 3.43 21.10
CA ASP A 270 5.72 2.29 21.96
C ASP A 270 6.84 1.28 21.78
N VAL A 271 7.71 1.18 22.76
CA VAL A 271 8.84 0.29 22.70
C VAL A 271 8.42 -1.20 22.61
N GLU A 272 7.53 -1.63 23.50
CA GLU A 272 7.09 -3.03 23.52
C GLU A 272 6.56 -3.44 22.15
N ALA A 273 5.69 -2.62 21.58
CA ALA A 273 5.09 -2.92 20.30
C ALA A 273 6.16 -2.94 19.21
N THR A 274 7.17 -2.09 19.37
CA THR A 274 8.21 -2.00 18.38
C THR A 274 9.07 -3.24 18.42
N LEU A 275 9.30 -3.75 19.63
CA LEU A 275 10.16 -4.93 19.78
C LEU A 275 9.42 -6.14 19.22
N HIS A 276 8.11 -6.18 19.43
CA HIS A 276 7.26 -7.27 18.96
C HIS A 276 7.24 -7.28 17.43
N ARG A 277 6.93 -6.13 16.83
CA ARG A 277 6.89 -6.00 15.40
C ARG A 277 8.20 -6.41 14.69
N LEU A 278 9.31 -6.35 15.41
CA LEU A 278 10.60 -6.79 14.87
C LEU A 278 10.67 -8.31 14.66
N MET A 279 9.76 -9.04 15.30
CA MET A 279 9.78 -10.51 15.16
C MET A 279 8.73 -10.99 14.12
N GLN A 280 8.05 -10.06 13.45
CA GLN A 280 6.94 -10.39 12.57
C GLN A 280 7.23 -10.09 11.11
N HIS A 281 6.35 -10.56 10.22
CA HIS A 281 6.47 -10.29 8.76
C HIS A 281 7.75 -10.81 8.12
N TRP A 282 8.40 -11.79 8.73
CA TRP A 282 9.54 -12.38 8.08
C TRP A 282 9.18 -13.25 6.86
N THR A 283 10.07 -13.30 5.87
CA THR A 283 9.94 -14.29 4.82
C THR A 283 11.30 -14.91 4.56
N PRO A 284 11.34 -16.15 4.03
CA PRO A 284 12.67 -16.70 3.71
C PRO A 284 13.48 -15.81 2.74
N ARG A 285 12.81 -15.00 1.94
CA ARG A 285 13.55 -14.19 0.98
C ARG A 285 14.30 -13.03 1.71
N GLN A 286 13.69 -12.53 2.78
CA GLN A 286 14.29 -11.53 3.62
C GLN A 286 15.53 -12.14 4.30
N VAL A 287 15.38 -13.35 4.83
CA VAL A 287 16.51 -14.05 5.42
C VAL A 287 17.64 -14.13 4.41
N GLU A 288 17.33 -14.50 3.17
CA GLU A 288 18.38 -14.66 2.18
C GLU A 288 18.94 -13.31 1.71
N LEU A 289 18.08 -12.31 1.61
CA LEU A 289 18.54 -11.01 1.17
C LEU A 289 19.59 -10.42 2.15
N LEU A 290 19.51 -10.78 3.44
CA LEU A 290 20.43 -10.36 4.46
C LEU A 290 21.88 -10.78 4.16
N GLU A 291 22.04 -11.72 3.25
CA GLU A 291 23.36 -12.22 2.90
C GLU A 291 24.19 -11.05 2.33
N LEU A 292 23.53 -10.01 1.86
CA LEU A 292 24.19 -8.86 1.26
C LEU A 292 24.82 -7.91 2.29
N PHE A 293 24.51 -8.13 3.55
CA PHE A 293 24.92 -7.22 4.60
C PHE A 293 26.15 -7.77 5.31
N THR A 294 26.82 -6.91 6.09
CA THR A 294 27.97 -7.34 6.88
C THR A 294 27.52 -8.39 7.88
N THR A 295 28.43 -9.32 8.17
CA THR A 295 28.16 -10.39 9.12
C THR A 295 27.41 -9.97 10.43
N PRO A 296 27.88 -8.92 11.15
CA PRO A 296 27.14 -8.61 12.40
C PRO A 296 25.69 -8.16 12.16
N VAL A 297 25.42 -7.49 11.04
CA VAL A 297 24.09 -7.02 10.74
C VAL A 297 23.23 -8.18 10.25
N ARG A 298 23.84 -9.07 9.50
CA ARG A 298 23.18 -10.25 9.01
C ARG A 298 22.77 -11.15 10.17
N GLU A 299 23.70 -11.46 11.07
CA GLU A 299 23.33 -12.34 12.17
CA GLU A 299 23.43 -12.31 12.25
C GLU A 299 22.49 -11.62 13.24
N GLY A 300 22.67 -10.30 13.40
CA GLY A 300 21.83 -9.56 14.32
C GLY A 300 20.36 -9.54 13.91
N LEU A 301 20.10 -9.28 12.63
CA LEU A 301 18.72 -9.19 12.21
C LEU A 301 18.11 -10.59 12.14
N ARG A 302 18.89 -11.59 11.77
CA ARG A 302 18.33 -12.94 11.81
C ARG A 302 17.87 -13.32 13.19
N THR A 303 18.59 -12.82 14.21
CA THR A 303 18.27 -13.15 15.58
C THR A 303 16.88 -12.64 15.89
N CYS A 304 16.50 -11.52 15.29
CA CYS A 304 15.18 -10.97 15.52
C CYS A 304 14.03 -11.91 15.14
N GLN A 305 14.30 -12.98 14.38
CA GLN A 305 13.22 -13.99 14.12
C GLN A 305 12.81 -14.65 15.43
N ARG A 306 13.74 -14.73 16.40
CA ARG A 306 13.53 -15.46 17.66
C ARG A 306 13.41 -14.56 18.87
N ARG A 307 14.13 -13.45 18.91
CA ARG A 307 14.02 -12.50 20.05
C ARG A 307 14.53 -11.15 19.60
N PRO A 308 14.14 -10.06 20.26
CA PRO A 308 14.59 -8.78 19.70
C PRO A 308 16.10 -8.60 19.86
N ALA A 309 16.80 -8.09 18.84
CA ALA A 309 18.19 -7.77 19.02
C ALA A 309 18.46 -6.47 18.34
N PHE A 310 19.35 -5.67 18.94
CA PHE A 310 19.65 -4.32 18.39
C PHE A 310 20.98 -3.71 18.90
N ASN A 311 21.59 -4.29 19.94
CA ASN A 311 22.94 -3.86 20.34
C ASN A 311 23.90 -3.77 19.18
N PHE A 312 23.76 -4.65 18.19
CA PHE A 312 24.72 -4.75 17.08
C PHE A 312 24.60 -3.52 16.18
N MET A 313 23.43 -2.88 16.14
CA MET A 313 23.23 -1.82 15.18
C MET A 313 23.74 -0.45 15.67
N ASP A 314 25.05 -0.35 15.88
CA ASP A 314 25.64 0.90 16.34
C ASP A 314 25.86 1.79 15.13
N GLU A 315 26.59 2.88 15.33
CA GLU A 315 26.78 3.94 14.34
C GLU A 315 27.46 3.45 13.07
N MET A 316 28.55 2.72 13.27
CA MET A 316 29.30 2.18 12.15
C MET A 316 28.48 1.14 11.44
N ALA A 317 27.84 0.25 12.19
CA ALA A 317 26.98 -0.77 11.55
C ALA A 317 25.86 -0.16 10.69
N TRP A 318 25.26 0.93 11.15
CA TRP A 318 24.25 1.63 10.37
C TRP A 318 24.80 2.27 9.08
N ALA A 319 25.98 2.88 9.16
CA ALA A 319 26.62 3.42 7.96
C ALA A 319 26.87 2.30 6.94
N ALA A 320 27.44 1.19 7.38
CA ALA A 320 27.68 0.09 6.48
C ALA A 320 26.33 -0.43 5.88
N THR A 321 25.33 -0.65 6.74
CA THR A 321 23.98 -1.02 6.33
C THR A 321 23.45 -0.01 5.32
N TYR A 322 23.62 1.29 5.59
CA TYR A 322 23.10 2.32 4.68
C TYR A 322 23.66 2.16 3.27
N HIS A 323 24.95 1.81 3.14
CA HIS A 323 25.56 1.75 1.81
C HIS A 323 25.02 0.56 1.03
N VAL A 324 24.84 -0.57 1.71
CA VAL A 324 24.25 -1.73 1.13
C VAL A 324 22.83 -1.44 0.59
N LEU A 325 22.06 -0.63 1.33
CA LEU A 325 20.69 -0.33 0.94
C LEU A 325 20.68 0.62 -0.25
N LEU A 326 21.58 1.61 -0.22
CA LEU A 326 21.70 2.53 -1.36
C LEU A 326 21.89 1.74 -2.67
N GLU A 327 22.72 0.70 -2.62
CA GLU A 327 23.06 -0.11 -3.77
C GLU A 327 22.01 -1.18 -4.16
N HIS A 328 21.38 -1.83 -3.18
CA HIS A 328 20.60 -3.02 -3.44
C HIS A 328 19.10 -2.94 -3.19
N PHE A 329 18.65 -1.96 -2.43
CA PHE A 329 17.25 -1.81 -2.05
C PHE A 329 16.42 -1.53 -3.29
N GLN A 330 15.26 -2.17 -3.40
CA GLN A 330 14.37 -1.99 -4.55
C GLN A 330 13.05 -1.38 -4.11
N PRO A 331 12.80 -0.12 -4.48
CA PRO A 331 11.53 0.49 -4.09
C PRO A 331 10.34 -0.37 -4.57
N GLY A 332 9.30 -0.46 -3.77
CA GLY A 332 8.15 -1.26 -4.14
C GLY A 332 8.31 -2.77 -3.95
N ASP A 333 9.52 -3.28 -3.73
CA ASP A 333 9.69 -4.69 -3.40
C ASP A 333 9.40 -4.86 -1.91
N PRO A 334 8.30 -5.57 -1.56
CA PRO A 334 7.86 -5.76 -0.17
C PRO A 334 8.92 -6.36 0.76
N ASP A 335 9.79 -7.22 0.27
CA ASP A 335 10.81 -7.80 1.07
C ASP A 335 11.91 -6.74 1.39
N TRP A 336 12.29 -5.93 0.40
CA TRP A 336 13.23 -4.83 0.63
C TRP A 336 12.65 -3.75 1.57
N GLU A 337 11.38 -3.43 1.41
CA GLU A 337 10.74 -2.47 2.27
C GLU A 337 10.69 -2.98 3.69
N GLU A 338 10.56 -4.31 3.84
CA GLU A 338 10.37 -4.83 5.16
C GLU A 338 11.72 -4.91 5.84
N LEU A 339 12.75 -5.19 5.08
CA LEU A 339 14.09 -5.26 5.62
C LEU A 339 14.56 -3.85 5.98
N LEU A 340 14.40 -2.90 5.08
CA LEU A 340 14.66 -1.54 5.40
C LEU A 340 14.00 -1.22 6.76
N PHE A 341 12.74 -1.63 6.92
CA PHE A 341 11.97 -1.17 8.08
C PHE A 341 12.52 -1.77 9.37
N LYS A 342 12.91 -3.02 9.30
CA LYS A 342 13.45 -3.72 10.45
C LYS A 342 14.88 -3.26 10.76
N LEU A 343 15.65 -2.98 9.72
CA LEU A 343 17.03 -2.51 9.92
C LEU A 343 16.97 -1.19 10.69
N TRP A 344 16.20 -0.24 10.16
CA TRP A 344 15.95 1.02 10.83
C TRP A 344 15.41 0.89 12.24
N THR A 345 14.50 -0.06 12.46
CA THR A 345 13.97 -0.27 13.80
C THR A 345 15.10 -0.60 14.75
N THR A 346 16.02 -1.45 14.32
CA THR A 346 17.06 -1.86 15.23
C THR A 346 17.96 -0.66 15.51
N ARG A 347 18.16 0.18 14.51
CA ARG A 347 18.94 1.39 14.70
C ARG A 347 18.26 2.32 15.70
N VAL A 348 16.97 2.54 15.55
CA VAL A 348 16.23 3.37 16.47
C VAL A 348 16.33 2.81 17.88
N LEU A 349 16.22 1.48 18.03
CA LEU A 349 16.25 0.87 19.36
C LEU A 349 17.66 0.97 19.93
N ASN A 350 18.67 0.76 19.10
CA ASN A 350 20.01 0.92 19.60
C ASN A 350 20.22 2.36 20.15
N TYR A 351 19.80 3.36 19.38
CA TYR A 351 19.95 4.75 19.75
C TYR A 351 19.18 5.05 21.01
N THR A 352 17.97 4.53 21.12
CA THR A 352 17.11 4.79 22.24
C THR A 352 17.72 4.27 23.57
N MET A 353 18.25 3.05 23.55
CA MET A 353 18.75 2.42 24.77
C MET A 353 20.17 2.83 25.12
N THR A 354 21.01 3.15 24.15
CA THR A 354 22.39 3.46 24.43
C THR A 354 22.65 4.93 24.39
N VAL A 355 21.70 5.73 23.88
CA VAL A 355 21.95 7.16 23.76
C VAL A 355 20.82 7.96 24.37
N ALA A 356 19.59 7.77 23.91
CA ALA A 356 18.49 8.62 24.41
C ALA A 356 18.26 8.44 25.92
N LEU A 357 18.51 7.24 26.39
CA LEU A 357 18.30 6.88 27.75
C LEU A 357 19.31 7.64 28.63
N ARG A 358 20.43 8.05 28.04
CA ARG A 358 21.37 8.86 28.78
C ARG A 358 20.91 10.31 28.96
N GLY A 359 19.76 10.72 28.42
CA GLY A 359 19.27 12.10 28.60
C GLY A 359 19.21 12.96 27.32
N TYR A 360 18.35 13.97 27.37
CA TYR A 360 18.10 14.86 26.25
C TYR A 360 19.37 15.47 25.63
N ASP A 361 20.15 16.16 26.46
CA ASP A 361 21.36 16.88 26.05
C ASP A 361 22.35 15.93 25.47
N TYR A 362 22.49 14.77 26.12
CA TYR A 362 23.45 13.79 25.67
C TYR A 362 23.05 13.31 24.25
N ALA A 363 21.74 13.14 24.02
CA ALA A 363 21.22 12.63 22.77
C ALA A 363 21.41 13.66 21.64
N GLN A 364 21.01 14.92 21.87
CA GLN A 364 21.27 16.01 20.93
C GLN A 364 22.72 16.06 20.51
N GLN A 365 23.64 16.06 21.49
CA GLN A 365 25.08 16.12 21.24
C GLN A 365 25.52 14.95 20.43
N TYR A 366 25.00 13.78 20.77
CA TYR A 366 25.33 12.57 20.04
C TYR A 366 24.92 12.69 18.54
N LEU A 367 23.73 13.22 18.28
CA LEU A 367 23.17 13.22 16.94
C LEU A 367 23.99 14.15 16.04
N TYR A 368 24.27 15.37 16.51
CA TYR A 368 25.19 16.24 15.78
C TYR A 368 26.59 15.63 15.59
N ARG A 369 27.12 14.95 16.59
CA ARG A 369 28.44 14.38 16.42
C ARG A 369 28.44 13.22 15.43
N MET A 370 27.36 12.44 15.44
CA MET A 370 27.10 11.37 14.46
C MET A 370 27.19 11.92 13.02
N LEU A 371 26.47 12.99 12.74
CA LEU A 371 26.53 13.62 11.41
C LEU A 371 27.97 14.01 11.04
N GLY A 372 28.69 14.62 12.00
CA GLY A 372 30.10 15.04 11.85
C GLY A 372 31.00 13.88 11.57
N ARG A 373 30.80 12.74 12.26
CA ARG A 373 31.67 11.60 11.98
C ARG A 373 31.34 11.02 10.60
N TYR A 374 30.06 11.07 10.22
CA TYR A 374 29.67 10.49 8.94
C TYR A 374 30.27 11.35 7.82
N ARG A 375 30.15 12.67 7.94
CA ARG A 375 30.75 13.57 6.97
C ARG A 375 32.25 13.34 6.82
N TYR A 376 32.96 13.28 7.95
CA TYR A 376 34.40 13.11 7.88
CA TYR A 376 34.41 13.07 7.94
C TYR A 376 34.74 11.79 7.20
N GLN A 377 34.03 10.72 7.54
CA GLN A 377 34.26 9.40 6.90
C GLN A 377 33.99 9.42 5.39
N ALA A 378 32.85 10.00 5.00
CA ALA A 378 32.53 10.12 3.60
C ALA A 378 33.59 10.94 2.83
N ALA A 379 34.15 11.99 3.42
CA ALA A 379 35.11 12.82 2.69
C ALA A 379 36.42 12.09 2.47
N LEU A 380 36.76 11.16 3.36
CA LEU A 380 37.94 10.32 3.20
C LEU A 380 37.94 9.44 1.95
N GLU A 381 36.79 8.88 1.56
CA GLU A 381 36.70 7.89 0.46
C GLU A 381 36.87 8.45 -0.98
N SER B 2 -27.77 -0.83 4.05
CA SER B 2 -26.63 -1.61 3.46
C SER B 2 -25.69 -0.77 2.62
N LEU B 3 -24.38 -1.01 2.79
CA LEU B 3 -23.39 -0.43 1.91
C LEU B 3 -23.05 -1.38 0.76
N VAL B 4 -23.05 -0.86 -0.46
CA VAL B 4 -22.63 -1.60 -1.63
C VAL B 4 -21.36 -0.99 -2.22
N VAL B 5 -20.30 -1.80 -2.32
CA VAL B 5 -19.01 -1.34 -2.74
C VAL B 5 -18.61 -1.90 -4.09
N PHE B 6 -18.06 -1.02 -4.94
CA PHE B 6 -17.49 -1.45 -6.20
C PHE B 6 -16.03 -0.99 -6.24
N PRO B 7 -15.08 -1.93 -6.05
CA PRO B 7 -13.68 -1.61 -6.28
C PRO B 7 -13.42 -1.48 -7.76
N PHE B 8 -12.69 -0.45 -8.18
CA PHE B 8 -12.45 -0.26 -9.60
C PHE B 8 -11.06 0.21 -9.92
N LYS B 9 -10.52 -0.23 -11.06
CA LYS B 9 -9.21 0.20 -11.54
C LYS B 9 -9.23 0.84 -12.95
N HIS B 10 -9.09 0.01 -13.99
CA HIS B 10 -9.07 0.54 -15.34
C HIS B 10 -10.40 0.13 -16.03
N GLU B 11 -11.51 0.68 -15.54
CA GLU B 11 -12.83 0.27 -16.02
C GLU B 11 -13.45 1.31 -16.95
N HIS B 12 -14.34 0.87 -17.82
CA HIS B 12 -15.14 1.80 -18.60
C HIS B 12 -16.16 2.48 -17.68
N PRO B 13 -16.20 3.83 -17.70
CA PRO B 13 -17.08 4.61 -16.82
C PRO B 13 -18.53 4.16 -16.88
N GLU B 14 -19.03 3.95 -18.08
CA GLU B 14 -20.45 3.65 -18.27
C GLU B 14 -20.89 2.32 -17.65
N VAL B 15 -20.04 1.28 -17.77
CA VAL B 15 -20.26 -0.03 -17.13
C VAL B 15 -20.46 0.12 -15.61
N LEU B 16 -19.60 0.90 -14.97
CA LEU B 16 -19.64 1.04 -13.53
C LEU B 16 -20.81 1.92 -13.10
N LEU B 17 -21.02 3.04 -13.79
CA LEU B 17 -22.14 3.92 -13.48
C LEU B 17 -23.46 3.18 -13.59
N HIS B 18 -23.60 2.33 -14.59
CA HIS B 18 -24.79 1.48 -14.70
C HIS B 18 -24.99 0.68 -13.41
N ASN B 19 -23.95 -0.05 -13.00
CA ASN B 19 -24.00 -0.86 -11.79
C ASN B 19 -24.30 -0.03 -10.55
N VAL B 20 -23.71 1.15 -10.50
CA VAL B 20 -23.97 2.08 -9.42
C VAL B 20 -25.45 2.46 -9.42
N ARG B 21 -26.01 2.66 -10.61
CA ARG B 21 -27.42 3.06 -10.72
C ARG B 21 -28.36 1.91 -10.30
N VAL B 22 -28.01 0.69 -10.69
CA VAL B 22 -28.76 -0.48 -10.23
C VAL B 22 -28.73 -0.58 -8.70
N ALA B 23 -27.56 -0.44 -8.09
CA ALA B 23 -27.46 -0.60 -6.64
C ALA B 23 -28.15 0.54 -5.87
N ALA B 24 -28.03 1.76 -6.40
CA ALA B 24 -28.68 2.92 -5.80
C ALA B 24 -30.18 2.80 -5.82
N ALA B 25 -30.74 2.20 -6.89
CA ALA B 25 -32.20 2.06 -7.04
C ALA B 25 -32.82 0.96 -6.16
N HIS B 26 -32.00 0.09 -5.55
CA HIS B 26 -32.49 -1.06 -4.78
C HIS B 26 -33.03 -0.70 -3.39
N PRO B 27 -34.24 -1.19 -3.07
CA PRO B 27 -34.94 -0.82 -1.82
C PRO B 27 -34.17 -1.10 -0.54
N ARG B 28 -33.11 -1.88 -0.61
CA ARG B 28 -32.46 -2.36 0.61
C ARG B 28 -31.03 -1.83 0.78
N VAL B 29 -30.60 -1.05 -0.22
CA VAL B 29 -29.31 -0.40 -0.26
C VAL B 29 -29.38 1.05 0.30
N HIS B 30 -28.75 1.25 1.46
CA HIS B 30 -28.61 2.58 2.09
C HIS B 30 -27.60 3.51 1.43
N GLU B 31 -26.50 2.95 0.92
CA GLU B 31 -25.37 3.72 0.41
C GLU B 31 -24.52 2.94 -0.63
N VAL B 32 -24.05 3.64 -1.67
CA VAL B 32 -23.09 3.07 -2.60
C VAL B 32 -21.69 3.69 -2.44
N LEU B 33 -20.65 2.87 -2.37
CA LEU B 33 -19.28 3.37 -2.36
C LEU B 33 -18.47 2.79 -3.50
N CYS B 34 -17.87 3.64 -4.32
CA CYS B 34 -16.86 3.20 -5.30
C CYS B 34 -15.45 3.43 -4.73
N ILE B 35 -14.62 2.39 -4.74
CA ILE B 35 -13.27 2.51 -4.24
C ILE B 35 -12.29 2.32 -5.39
N GLY B 36 -11.61 3.42 -5.73
CA GLY B 36 -10.75 3.46 -6.91
C GLY B 36 -9.26 3.28 -6.68
N TYR B 37 -8.62 2.72 -7.68
CA TYR B 37 -7.18 2.57 -7.70
C TYR B 37 -6.46 3.95 -7.64
N GLU B 38 -6.81 4.85 -8.54
CA GLU B 38 -6.30 6.23 -8.56
C GLU B 38 -7.36 7.15 -9.18
N ARG B 39 -7.18 8.46 -9.00
CA ARG B 39 -8.01 9.45 -9.71
C ARG B 39 -7.84 9.41 -11.25
N ASP B 40 -8.81 8.84 -11.95
CA ASP B 40 -8.75 8.72 -13.43
C ASP B 40 -10.04 9.17 -14.12
N GLN B 41 -10.12 8.94 -15.43
CA GLN B 41 -11.30 9.31 -16.19
C GLN B 41 -12.59 8.70 -15.63
N THR B 42 -12.51 7.44 -15.20
CA THR B 42 -13.62 6.77 -14.51
C THR B 42 -13.91 7.42 -13.16
N TYR B 43 -12.87 7.61 -12.34
CA TYR B 43 -13.05 8.17 -11.00
C TYR B 43 -13.86 9.45 -11.10
N GLU B 44 -13.44 10.34 -12.00
CA GLU B 44 -14.06 11.66 -12.18
C GLU B 44 -15.47 11.56 -12.79
N ALA B 45 -15.66 10.65 -13.76
CA ALA B 45 -16.98 10.41 -14.33
C ALA B 45 -18.00 10.01 -13.26
N VAL B 46 -17.55 9.27 -12.26
CA VAL B 46 -18.44 8.81 -11.21
C VAL B 46 -18.73 9.90 -10.19
N GLU B 47 -17.71 10.69 -9.86
CA GLU B 47 -17.88 11.78 -8.90
C GLU B 47 -18.86 12.84 -9.41
N ARG B 48 -18.87 13.05 -10.73
CA ARG B 48 -19.77 14.01 -11.33
C ARG B 48 -21.20 13.50 -11.35
N ALA B 49 -21.37 12.24 -11.74
CA ALA B 49 -22.71 11.62 -11.79
C ALA B 49 -23.32 11.39 -10.41
N ALA B 50 -22.48 11.40 -9.37
CA ALA B 50 -22.88 11.05 -8.00
C ALA B 50 -24.11 11.81 -7.45
N PRO B 51 -24.07 13.16 -7.45
CA PRO B 51 -25.25 13.85 -6.88
C PRO B 51 -26.52 13.79 -7.76
N GLU B 52 -26.35 13.60 -9.07
CA GLU B 52 -27.49 13.44 -9.99
C GLU B 52 -28.22 12.13 -9.71
N ILE B 53 -27.43 11.11 -9.35
CA ILE B 53 -27.92 9.78 -8.94
C ILE B 53 -28.46 9.79 -7.51
N SER B 54 -27.71 10.38 -6.58
CA SER B 54 -28.17 10.56 -5.20
C SER B 54 -29.52 11.31 -5.14
N ARG B 55 -29.68 12.32 -6.01
CA ARG B 55 -30.90 13.12 -6.02
C ARG B 55 -32.06 12.21 -6.45
N ALA B 56 -31.89 11.60 -7.62
CA ALA B 56 -32.92 10.75 -8.22
C ALA B 56 -33.32 9.48 -7.43
N THR B 57 -32.47 8.96 -6.56
CA THR B 57 -32.80 7.69 -5.89
C THR B 57 -32.92 7.80 -4.38
N GLY B 58 -32.48 8.93 -3.82
CA GLY B 58 -32.45 9.11 -2.36
C GLY B 58 -31.28 8.41 -1.68
N THR B 59 -30.39 7.80 -2.48
CA THR B 59 -29.26 7.05 -1.95
C THR B 59 -27.92 7.78 -2.16
N PRO B 60 -27.21 8.08 -1.06
CA PRO B 60 -25.89 8.71 -1.21
C PRO B 60 -24.89 7.78 -1.92
N VAL B 61 -24.05 8.36 -2.76
CA VAL B 61 -23.07 7.63 -3.57
C VAL B 61 -21.75 8.33 -3.35
N SER B 62 -20.68 7.60 -3.03
CA SER B 62 -19.36 8.22 -2.87
C SER B 62 -18.28 7.52 -3.64
N VAL B 63 -17.29 8.30 -4.05
CA VAL B 63 -16.06 7.81 -4.61
C VAL B 63 -14.93 8.15 -3.63
N ARG B 64 -13.97 7.24 -3.46
CA ARG B 64 -12.84 7.45 -2.58
C ARG B 64 -11.68 6.72 -3.21
N LEU B 65 -10.47 7.13 -2.84
CA LEU B 65 -9.27 6.43 -3.27
C LEU B 65 -8.94 5.36 -2.26
N GLN B 66 -8.45 4.24 -2.76
CA GLN B 66 -7.88 3.26 -1.85
C GLN B 66 -6.69 3.83 -1.10
N GLU B 67 -6.53 3.37 0.13
CA GLU B 67 -5.40 3.80 0.93
C GLU B 67 -4.41 2.70 1.21
N ARG B 68 -3.21 3.07 1.63
CA ARG B 68 -2.17 2.08 1.76
C ARG B 68 -2.32 1.34 3.09
N LEU B 69 -3.12 0.29 3.13
CA LEU B 69 -3.37 -0.31 4.43
C LEU B 69 -2.46 -1.49 4.69
N GLY B 70 -1.90 -2.06 3.63
CA GLY B 70 -1.09 -3.25 3.77
C GLY B 70 0.26 -3.04 3.18
N THR B 71 0.99 -4.12 2.97
CA THR B 71 2.43 -4.03 2.75
C THR B 71 2.94 -4.81 1.55
N LEU B 72 2.03 -5.30 0.72
CA LEU B 72 2.41 -6.08 -0.44
C LEU B 72 2.24 -5.15 -1.62
N ARG B 73 2.26 -5.64 -2.87
CA ARG B 73 1.89 -4.77 -4.00
C ARG B 73 0.58 -4.03 -3.69
N PRO B 74 0.49 -2.75 -4.07
CA PRO B 74 -0.76 -2.01 -3.81
C PRO B 74 -1.79 -2.35 -4.88
N GLY B 75 -2.79 -3.15 -4.49
CA GLY B 75 -3.73 -3.69 -5.43
C GLY B 75 -5.10 -3.78 -4.82
N LYS B 76 -5.89 -4.74 -5.32
CA LYS B 76 -7.30 -4.88 -4.89
C LYS B 76 -7.47 -4.99 -3.39
N GLY B 77 -6.50 -5.60 -2.70
CA GLY B 77 -6.58 -5.74 -1.25
C GLY B 77 -6.71 -4.41 -0.53
N ASP B 78 -5.94 -3.42 -0.97
CA ASP B 78 -6.03 -2.11 -0.35
C ASP B 78 -7.37 -1.50 -0.64
N GLY B 79 -7.89 -1.70 -1.84
CA GLY B 79 -9.22 -1.21 -2.19
C GLY B 79 -10.26 -1.74 -1.22
N MET B 80 -10.33 -3.07 -1.12
CA MET B 80 -11.39 -3.73 -0.35
C MET B 80 -11.27 -3.37 1.11
N ASN B 81 -10.05 -3.46 1.62
CA ASN B 81 -9.78 -3.16 3.01
C ASN B 81 -10.10 -1.68 3.34
N THR B 82 -9.85 -0.78 2.39
CA THR B 82 -10.21 0.63 2.56
C THR B 82 -11.72 0.77 2.67
N ALA B 83 -12.46 0.06 1.82
CA ALA B 83 -13.94 0.03 1.92
C ALA B 83 -14.39 -0.49 3.30
N LEU B 84 -13.74 -1.53 3.78
CA LEU B 84 -14.03 -2.05 5.11
C LEU B 84 -13.88 -0.93 6.17
N ARG B 85 -12.79 -0.16 6.07
CA ARG B 85 -12.57 0.94 7.00
C ARG B 85 -13.72 1.94 6.91
N TYR B 86 -14.02 2.38 5.70
CA TYR B 86 -15.11 3.31 5.49
C TYR B 86 -16.41 2.79 6.09
N PHE B 87 -16.70 1.49 5.86
CA PHE B 87 -17.89 0.84 6.34
C PHE B 87 -18.01 0.87 7.86
N LEU B 88 -16.95 0.46 8.54
CA LEU B 88 -16.93 0.35 9.98
C LEU B 88 -16.75 1.68 10.73
N GLU B 89 -16.17 2.68 10.07
CA GLU B 89 -15.80 3.91 10.76
C GLU B 89 -16.64 5.11 10.41
N GLU B 90 -16.98 5.28 9.14
CA GLU B 90 -17.84 6.37 8.69
C GLU B 90 -19.33 5.98 8.46
N THR B 91 -19.74 4.77 8.85
CA THR B 91 -21.17 4.35 8.77
C THR B 91 -21.58 3.43 9.89
N GLN B 92 -22.88 3.28 10.02
CA GLN B 92 -23.49 2.37 10.97
C GLN B 92 -24.35 1.26 10.32
N TRP B 93 -24.22 1.10 9.00
CA TRP B 93 -24.96 0.08 8.24
C TRP B 93 -24.69 -1.34 8.74
N GLU B 94 -25.74 -2.17 8.76
CA GLU B 94 -25.63 -3.56 9.28
C GLU B 94 -24.81 -4.52 8.38
N ARG B 95 -24.77 -4.22 7.09
CA ARG B 95 -24.32 -5.16 6.08
C ARG B 95 -23.60 -4.46 4.96
N ILE B 96 -22.61 -5.15 4.39
CA ILE B 96 -21.87 -4.61 3.26
C ILE B 96 -21.77 -5.64 2.11
N HIS B 97 -22.03 -5.20 0.88
CA HIS B 97 -21.77 -6.02 -0.31
C HIS B 97 -20.49 -5.56 -1.00
N PHE B 98 -19.77 -6.47 -1.66
CA PHE B 98 -18.85 -6.16 -2.74
C PHE B 98 -19.29 -6.80 -4.06
N TYR B 99 -19.16 -6.06 -5.16
CA TYR B 99 -19.25 -6.60 -6.53
C TYR B 99 -18.18 -5.93 -7.35
N ASP B 100 -17.58 -6.70 -8.27
CA ASP B 100 -16.62 -6.18 -9.22
C ASP B 100 -17.28 -5.12 -10.07
N ALA B 101 -16.51 -4.10 -10.39
CA ALA B 101 -17.00 -2.93 -11.14
C ALA B 101 -17.35 -3.20 -12.60
N ASP B 102 -16.74 -4.23 -13.20
CA ASP B 102 -16.84 -4.45 -14.64
C ASP B 102 -17.92 -5.45 -15.01
N ILE B 103 -18.75 -5.81 -14.05
CA ILE B 103 -19.84 -6.75 -14.30
C ILE B 103 -20.85 -6.12 -15.26
N THR B 104 -21.35 -6.88 -16.22
CA THR B 104 -22.28 -6.33 -17.21
C THR B 104 -23.64 -7.03 -17.12
N SER B 105 -23.72 -8.05 -16.28
CA SER B 105 -24.95 -8.80 -16.07
C SER B 105 -25.59 -8.53 -14.71
N PHE B 106 -25.13 -7.49 -14.02
CA PHE B 106 -25.64 -7.11 -12.70
C PHE B 106 -27.12 -6.74 -12.83
N GLY B 107 -27.88 -7.05 -11.79
CA GLY B 107 -29.28 -6.69 -11.70
C GLY B 107 -29.74 -6.73 -10.25
N PRO B 108 -30.95 -6.20 -9.96
CA PRO B 108 -31.35 -6.09 -8.55
C PRO B 108 -31.39 -7.44 -7.79
N ASP B 109 -31.62 -8.56 -8.48
CA ASP B 109 -31.76 -9.84 -7.77
C ASP B 109 -30.45 -10.37 -7.15
N TRP B 110 -29.32 -9.94 -7.68
CA TRP B 110 -28.04 -10.23 -7.01
C TRP B 110 -28.07 -9.67 -5.58
N ILE B 111 -28.60 -8.45 -5.46
CA ILE B 111 -28.65 -7.78 -4.18
C ILE B 111 -29.68 -8.43 -3.30
N THR B 112 -30.83 -8.70 -3.89
CA THR B 112 -31.94 -9.31 -3.18
C THR B 112 -31.55 -10.70 -2.67
N LYS B 113 -30.92 -11.52 -3.50
CA LYS B 113 -30.58 -12.85 -3.04
C LYS B 113 -29.65 -12.86 -1.84
N ALA B 114 -28.62 -12.02 -1.88
CA ALA B 114 -27.69 -11.91 -0.76
C ALA B 114 -28.35 -11.35 0.48
N GLU B 115 -29.15 -10.29 0.34
CA GLU B 115 -29.89 -9.78 1.51
C GLU B 115 -30.80 -10.84 2.13
N GLU B 116 -31.46 -11.62 1.27
CA GLU B 116 -32.41 -12.60 1.80
C GLU B 116 -31.70 -13.76 2.46
N ALA B 117 -30.53 -14.15 1.95
CA ALA B 117 -29.75 -15.17 2.63
C ALA B 117 -29.23 -14.67 4.00
N ALA B 118 -28.87 -13.39 4.06
CA ALA B 118 -28.46 -12.81 5.34
C ALA B 118 -29.63 -12.85 6.33
N ASP B 119 -30.82 -12.41 5.88
CA ASP B 119 -32.05 -12.49 6.69
C ASP B 119 -32.23 -13.89 7.30
N PHE B 120 -31.92 -14.89 6.52
CA PHE B 120 -32.15 -16.27 6.91
C PHE B 120 -31.18 -16.66 8.03
N GLY B 121 -30.09 -15.91 8.17
CA GLY B 121 -29.16 -16.13 9.29
C GLY B 121 -27.67 -16.24 8.97
N TYR B 122 -27.27 -16.19 7.69
CA TYR B 122 -25.85 -16.37 7.34
C TYR B 122 -25.01 -15.14 7.64
N GLY B 123 -23.77 -15.35 8.07
CA GLY B 123 -22.86 -14.20 8.28
C GLY B 123 -22.18 -13.72 7.00
N LEU B 124 -22.02 -14.63 6.02
CA LEU B 124 -21.34 -14.36 4.73
C LEU B 124 -22.12 -15.04 3.63
N VAL B 125 -22.40 -14.28 2.57
CA VAL B 125 -23.10 -14.82 1.41
C VAL B 125 -22.17 -14.62 0.24
N ARG B 126 -21.72 -15.71 -0.40
CA ARG B 126 -20.86 -15.61 -1.60
C ARG B 126 -21.63 -15.89 -2.88
N HIS B 127 -21.44 -15.05 -3.91
CA HIS B 127 -22.07 -15.29 -5.20
C HIS B 127 -21.13 -16.16 -6.05
N TYR B 128 -21.65 -17.25 -6.59
CA TYR B 128 -20.87 -18.07 -7.50
C TYR B 128 -21.59 -18.28 -8.82
N PHE B 129 -20.82 -18.63 -9.86
CA PHE B 129 -21.23 -18.50 -11.25
C PHE B 129 -20.87 -19.72 -12.05
N PRO B 130 -21.60 -19.95 -13.15
CA PRO B 130 -21.17 -20.99 -14.06
C PRO B 130 -19.85 -20.58 -14.73
N ARG B 131 -18.99 -21.55 -14.94
CA ARG B 131 -17.70 -21.26 -15.59
C ARG B 131 -17.37 -22.24 -16.73
N ALA B 132 -16.64 -21.76 -17.73
CA ALA B 132 -16.14 -22.64 -18.81
C ALA B 132 -15.04 -23.57 -18.24
N SER B 133 -14.95 -24.74 -18.83
CA SER B 133 -14.05 -25.79 -18.40
C SER B 133 -12.58 -25.33 -18.37
N THR B 134 -12.23 -24.25 -19.08
CA THR B 134 -10.86 -23.75 -19.01
C THR B 134 -10.73 -22.38 -18.36
N ASP B 135 -11.77 -21.91 -17.70
CA ASP B 135 -11.64 -20.74 -16.86
C ASP B 135 -11.27 -21.22 -15.47
N ALA B 136 -10.89 -20.26 -14.62
CA ALA B 136 -10.72 -20.50 -13.20
C ALA B 136 -9.62 -21.53 -12.91
N MET B 137 -8.57 -21.53 -13.71
CA MET B 137 -7.46 -22.45 -13.49
C MET B 137 -6.61 -22.08 -12.28
N ILE B 138 -6.63 -20.82 -11.89
CA ILE B 138 -6.07 -20.46 -10.62
C ILE B 138 -6.94 -20.99 -9.49
N THR B 139 -8.21 -20.60 -9.48
CA THR B 139 -9.16 -21.16 -8.51
C THR B 139 -8.93 -22.65 -8.30
N TRP B 140 -8.92 -23.44 -9.37
CA TRP B 140 -8.81 -24.90 -9.20
C TRP B 140 -7.41 -25.45 -8.88
N MET B 141 -6.40 -25.02 -9.62
CA MET B 141 -5.13 -25.69 -9.51
C MET B 141 -4.27 -25.03 -8.42
N ILE B 142 -4.65 -23.82 -7.98
CA ILE B 142 -3.91 -23.13 -6.94
C ILE B 142 -4.71 -23.05 -5.62
N THR B 143 -5.81 -22.31 -5.62
CA THR B 143 -6.54 -22.10 -4.37
C THR B 143 -7.21 -23.35 -3.82
N ARG B 144 -8.15 -23.93 -4.58
CA ARG B 144 -8.92 -25.07 -4.03
C ARG B 144 -7.98 -26.22 -3.82
N THR B 145 -6.97 -26.37 -4.69
CA THR B 145 -6.02 -27.45 -4.50
C THR B 145 -5.22 -27.28 -3.21
N GLY B 146 -4.76 -26.06 -2.94
CA GLY B 146 -4.01 -25.79 -1.71
C GLY B 146 -4.86 -25.98 -0.48
N PHE B 147 -6.09 -25.45 -0.48
CA PHE B 147 -7.00 -25.72 0.61
C PHE B 147 -7.16 -27.24 0.86
N ALA B 148 -7.22 -28.04 -0.20
CA ALA B 148 -7.47 -29.47 -0.05
C ALA B 148 -6.28 -30.20 0.53
N LEU B 149 -5.09 -29.79 0.07
CA LEU B 149 -3.85 -30.41 0.52
C LEU B 149 -3.44 -29.98 1.93
N LEU B 150 -3.79 -28.75 2.31
CA LEU B 150 -3.38 -28.24 3.61
C LEU B 150 -4.41 -28.40 4.70
N TRP B 151 -5.70 -28.27 4.38
CA TRP B 151 -6.77 -28.34 5.37
C TRP B 151 -7.89 -29.25 4.91
N PRO B 152 -7.56 -30.52 4.66
CA PRO B 152 -8.54 -31.49 4.07
C PRO B 152 -9.82 -31.72 4.86
N HIS B 153 -9.81 -31.51 6.18
CA HIS B 153 -11.00 -31.82 7.01
C HIS B 153 -11.88 -30.60 7.17
N THR B 154 -11.45 -29.48 6.60
CA THR B 154 -12.21 -28.26 6.75
C THR B 154 -13.07 -27.99 5.53
N GLU B 155 -13.92 -27.02 5.69
CA GLU B 155 -14.80 -26.61 4.69
C GLU B 155 -14.10 -25.77 3.56
N LEU B 156 -12.83 -25.38 3.78
CA LEU B 156 -12.14 -24.43 2.89
C LEU B 156 -12.17 -24.83 1.42
N SER B 157 -11.79 -26.09 1.13
CA SER B 157 -11.68 -26.51 -0.25
C SER B 157 -13.05 -26.83 -0.86
N TRP B 158 -14.12 -26.71 -0.06
CA TRP B 158 -15.49 -26.87 -0.56
C TRP B 158 -16.10 -25.53 -0.99
N ILE B 159 -15.45 -24.42 -0.66
CA ILE B 159 -15.98 -23.14 -1.12
C ILE B 159 -15.91 -23.13 -2.68
N GLU B 160 -16.98 -22.76 -3.37
CA GLU B 160 -16.99 -22.91 -4.83
C GLU B 160 -16.05 -21.96 -5.50
N GLN B 161 -16.12 -20.70 -5.10
CA GLN B 161 -15.34 -19.69 -5.78
C GLN B 161 -14.59 -18.82 -4.78
N PRO B 162 -13.52 -19.37 -4.20
CA PRO B 162 -12.88 -18.70 -3.07
C PRO B 162 -12.15 -17.42 -3.50
N LEU B 163 -11.92 -17.27 -4.80
CA LEU B 163 -11.34 -16.03 -5.34
C LEU B 163 -12.37 -15.01 -5.75
N GLY B 164 -13.66 -15.31 -5.50
CA GLY B 164 -14.75 -14.46 -6.00
C GLY B 164 -14.86 -13.17 -5.23
N GLY B 165 -15.10 -12.07 -5.93
CA GLY B 165 -15.21 -10.78 -5.31
C GLY B 165 -16.65 -10.31 -5.13
N GLU B 166 -17.64 -11.20 -5.35
CA GLU B 166 -19.02 -10.82 -5.10
C GLU B 166 -19.45 -11.48 -3.82
N LEU B 167 -19.81 -10.66 -2.83
CA LEU B 167 -20.20 -11.19 -1.56
C LEU B 167 -20.88 -10.15 -0.67
N LEU B 168 -21.52 -10.64 0.40
CA LEU B 168 -22.11 -9.79 1.42
C LEU B 168 -21.61 -10.29 2.78
N MET B 169 -21.20 -9.35 3.66
CA MET B 169 -20.85 -9.71 5.04
C MET B 169 -21.72 -8.99 6.03
N ARG B 170 -21.99 -9.62 7.15
CA ARG B 170 -22.56 -8.90 8.29
C ARG B 170 -21.47 -8.00 8.92
N ARG B 171 -21.90 -6.88 9.52
CA ARG B 171 -21.01 -5.95 10.25
C ARG B 171 -19.97 -6.70 11.04
N GLU B 172 -20.40 -7.60 11.91
CA GLU B 172 -19.49 -8.31 12.78
CA GLU B 172 -19.46 -8.32 12.79
C GLU B 172 -18.41 -9.05 11.95
N VAL B 173 -18.81 -9.57 10.79
CA VAL B 173 -17.87 -10.28 9.92
C VAL B 173 -16.82 -9.34 9.33
N ALA B 174 -17.28 -8.20 8.84
CA ALA B 174 -16.43 -7.17 8.30
C ALA B 174 -15.41 -6.65 9.35
N ALA B 175 -15.89 -6.38 10.58
CA ALA B 175 -15.06 -5.93 11.71
C ALA B 175 -13.97 -6.95 11.98
N MET B 176 -14.35 -8.20 12.15
CA MET B 176 -13.38 -9.24 12.39
C MET B 176 -12.27 -9.24 11.31
N LEU B 177 -12.65 -9.09 10.03
CA LEU B 177 -11.68 -9.14 8.94
C LEU B 177 -10.80 -7.89 8.85
N TYR B 178 -11.37 -6.72 9.11
CA TYR B 178 -10.59 -5.49 9.13
C TYR B 178 -9.58 -5.50 10.27
N GLU B 179 -9.87 -6.29 11.29
CA GLU B 179 -9.07 -6.37 12.48
C GLU B 179 -7.98 -7.43 12.37
N ASP B 180 -8.08 -8.30 11.37
CA ASP B 180 -7.14 -9.40 11.29
C ASP B 180 -5.90 -8.96 10.52
N GLU B 181 -4.76 -9.13 11.17
CA GLU B 181 -3.47 -8.63 10.64
C GLU B 181 -3.07 -9.34 9.34
N ARG B 182 -3.39 -10.65 9.21
CA ARG B 182 -3.01 -11.33 7.96
C ARG B 182 -3.84 -10.78 6.80
N VAL B 183 -5.08 -10.41 7.11
CA VAL B 183 -5.97 -9.80 6.16
C VAL B 183 -5.52 -8.42 5.78
N ARG B 184 -5.20 -7.59 6.79
CA ARG B 184 -4.82 -6.18 6.53
C ARG B 184 -3.57 -6.08 5.67
N ARG B 185 -2.66 -7.02 5.87
CA ARG B 185 -1.40 -7.09 5.17
C ARG B 185 -1.55 -7.34 3.64
N ARG B 186 -2.62 -8.03 3.25
CA ARG B 186 -2.80 -8.57 1.89
C ARG B 186 -3.44 -7.57 0.98
N SER B 187 -2.61 -6.66 0.50
CA SER B 187 -3.06 -5.50 -0.23
C SER B 187 -3.17 -5.81 -1.71
N ASP B 188 -2.72 -7.02 -2.10
CA ASP B 188 -2.58 -7.36 -3.51
C ASP B 188 -3.75 -8.27 -3.94
N TRP B 189 -3.55 -9.16 -4.90
CA TRP B 189 -4.64 -10.08 -5.35
C TRP B 189 -5.01 -11.14 -4.32
N GLY B 190 -4.19 -11.31 -3.28
CA GLY B 190 -4.44 -12.36 -2.32
C GLY B 190 -5.57 -12.01 -1.40
N ILE B 191 -6.11 -10.80 -1.51
CA ILE B 191 -7.14 -10.40 -0.58
C ILE B 191 -8.33 -11.35 -0.51
N ASP B 192 -8.82 -11.85 -1.66
CA ASP B 192 -10.07 -12.69 -1.68
C ASP B 192 -9.76 -14.03 -1.03
N THR B 193 -8.58 -14.61 -1.29
CA THR B 193 -8.15 -15.80 -0.58
C THR B 193 -8.13 -15.60 0.94
N LEU B 194 -7.66 -14.43 1.39
CA LEU B 194 -7.59 -14.19 2.82
C LEU B 194 -9.01 -14.04 3.39
N TYR B 195 -9.88 -13.27 2.73
CA TYR B 195 -11.29 -13.23 3.21
C TYR B 195 -11.88 -14.62 3.36
N THR B 196 -11.63 -15.47 2.36
CA THR B 196 -12.16 -16.81 2.36
C THR B 196 -11.60 -17.62 3.53
N PHE B 197 -10.28 -17.66 3.65
CA PHE B 197 -9.67 -18.40 4.72
C PHE B 197 -10.17 -17.94 6.10
N VAL B 198 -10.14 -16.63 6.35
CA VAL B 198 -10.40 -16.17 7.70
C VAL B 198 -11.86 -16.32 8.12
N THR B 199 -12.79 -15.95 7.24
CA THR B 199 -14.22 -16.21 7.55
C THR B 199 -14.43 -17.70 7.87
N VAL B 200 -13.87 -18.58 7.07
CA VAL B 200 -14.08 -19.99 7.34
C VAL B 200 -13.44 -20.36 8.65
N ALA B 201 -12.21 -19.89 8.88
CA ALA B 201 -11.47 -20.26 10.09
C ALA B 201 -12.16 -19.74 11.37
N ALA B 202 -12.77 -18.56 11.29
CA ALA B 202 -13.51 -17.98 12.41
C ALA B 202 -14.89 -18.61 12.57
N GLY B 203 -15.21 -19.60 11.73
CA GLY B 203 -16.49 -20.30 11.92
C GLY B 203 -17.67 -19.41 11.58
N VAL B 204 -17.51 -18.47 10.68
CA VAL B 204 -18.65 -17.74 10.16
C VAL B 204 -19.56 -18.69 9.36
N SER B 205 -20.85 -18.38 9.30
CA SER B 205 -21.72 -19.26 8.58
C SER B 205 -21.97 -18.72 7.15
N ILE B 206 -21.78 -19.60 6.18
CA ILE B 206 -21.57 -19.20 4.79
C ILE B 206 -22.63 -19.84 3.88
N TYR B 207 -23.31 -18.99 3.13
CA TYR B 207 -24.17 -19.44 2.10
C TYR B 207 -23.62 -18.99 0.75
N GLU B 208 -23.69 -19.86 -0.24
CA GLU B 208 -23.26 -19.53 -1.61
C GLU B 208 -24.46 -19.51 -2.52
N CYS B 209 -24.83 -18.32 -2.99
CA CYS B 209 -25.92 -18.08 -3.94
CA CYS B 209 -25.93 -18.22 -3.91
C CYS B 209 -25.46 -18.26 -5.37
N TYR B 210 -26.25 -18.95 -6.19
CA TYR B 210 -25.93 -19.21 -7.58
C TYR B 210 -26.49 -18.12 -8.48
N ILE B 211 -25.64 -17.55 -9.33
CA ILE B 211 -26.11 -16.54 -10.29
C ILE B 211 -26.02 -17.16 -11.70
N PRO B 212 -27.16 -17.63 -12.26
CA PRO B 212 -27.25 -18.34 -13.53
C PRO B 212 -26.73 -17.58 -14.72
N GLU B 213 -26.91 -16.27 -14.77
CA GLU B 213 -26.46 -15.44 -15.91
C GLU B 213 -24.95 -15.59 -16.12
N GLY B 214 -24.25 -15.94 -15.04
CA GLY B 214 -22.78 -15.96 -15.04
C GLY B 214 -22.24 -14.55 -14.98
N LYS B 215 -20.92 -14.42 -15.10
CA LYS B 215 -20.20 -13.14 -14.85
C LYS B 215 -19.39 -12.72 -16.07
N ALA B 216 -19.70 -11.52 -16.59
CA ALA B 216 -19.01 -10.90 -17.75
C ALA B 216 -17.86 -11.72 -18.40
N TYR B 220 -8.64 -13.48 -22.67
CA TYR B 220 -7.23 -13.86 -22.45
C TYR B 220 -6.54 -14.31 -23.77
N GLY B 221 -5.29 -13.90 -23.92
CA GLY B 221 -4.42 -14.48 -24.93
C GLY B 221 -3.76 -15.66 -24.25
N GLY B 222 -2.44 -15.60 -24.12
CA GLY B 222 -1.73 -16.57 -23.30
C GLY B 222 -2.14 -16.54 -21.83
N LEU B 223 -1.64 -17.52 -21.11
CA LEU B 223 -1.85 -17.57 -19.68
C LEU B 223 -1.13 -16.42 -18.93
N ASP B 224 -0.14 -15.80 -19.59
CA ASP B 224 0.76 -14.77 -18.99
C ASP B 224 0.06 -13.49 -18.53
N ASP B 225 -1.12 -13.24 -19.05
CA ASP B 225 -1.96 -12.15 -18.52
C ASP B 225 -2.30 -12.45 -17.03
N LEU B 226 -2.21 -13.72 -16.64
CA LEU B 226 -2.60 -14.12 -15.30
C LEU B 226 -1.42 -14.21 -14.32
N ARG B 227 -0.23 -13.86 -14.79
CA ARG B 227 1.00 -14.10 -14.03
C ARG B 227 1.04 -13.49 -12.61
N THR B 228 0.69 -12.21 -12.46
CA THR B 228 0.76 -11.54 -11.17
C THR B 228 -0.31 -12.11 -10.24
N MET B 229 -1.52 -12.32 -10.81
CA MET B 229 -2.59 -12.96 -10.08
C MET B 229 -2.19 -14.35 -9.62
N LEU B 230 -1.56 -15.09 -10.49
CA LEU B 230 -1.12 -16.40 -10.13
C LEU B 230 -0.12 -16.37 -8.96
N VAL B 231 0.91 -15.49 -9.04
CA VAL B 231 1.93 -15.52 -8.00
C VAL B 231 1.33 -15.00 -6.69
N GLU B 232 0.44 -14.02 -6.76
CA GLU B 232 -0.08 -13.45 -5.53
C GLU B 232 -1.08 -14.38 -4.88
N CYS B 233 -1.92 -15.04 -5.68
CA CYS B 233 -2.81 -16.07 -5.14
C CYS B 233 -2.06 -17.25 -4.53
N PHE B 234 -1.02 -17.71 -5.20
CA PHE B 234 -0.25 -18.78 -4.60
C PHE B 234 0.52 -18.30 -3.33
N ALA B 235 1.04 -17.07 -3.34
CA ALA B 235 1.74 -16.51 -2.16
C ALA B 235 0.77 -16.48 -0.97
N ALA B 236 -0.48 -16.10 -1.24
CA ALA B 236 -1.52 -16.09 -0.18
C ALA B 236 -1.66 -17.46 0.51
N ILE B 237 -1.81 -18.52 -0.28
CA ILE B 237 -1.89 -19.86 0.28
C ILE B 237 -0.58 -20.19 1.04
N GLN B 238 0.56 -19.93 0.41
CA GLN B 238 1.85 -20.17 1.07
C GLN B 238 1.94 -19.48 2.46
N SER B 239 1.39 -18.28 2.57
CA SER B 239 1.53 -17.50 3.79
C SER B 239 0.69 -18.09 4.92
N LEU B 240 -0.34 -18.86 4.53
CA LEU B 240 -1.28 -19.42 5.48
C LEU B 240 -0.93 -20.82 5.82
N GLN B 241 0.08 -21.39 5.18
CA GLN B 241 0.26 -22.83 5.24
C GLN B 241 0.48 -23.42 6.65
N HIS B 242 0.85 -22.58 7.62
CA HIS B 242 1.03 -23.07 9.01
C HIS B 242 -0.15 -22.74 9.91
N GLU B 243 -1.12 -21.99 9.40
CA GLU B 243 -2.28 -21.63 10.20
C GLU B 243 -3.12 -22.85 10.51
N VAL B 244 -3.95 -22.67 11.52
CA VAL B 244 -4.77 -23.72 12.08
C VAL B 244 -6.21 -23.25 11.99
N VAL B 245 -7.09 -24.20 11.70
CA VAL B 245 -8.52 -23.91 11.60
C VAL B 245 -9.15 -24.64 12.75
N GLY B 246 -9.80 -23.90 13.64
CA GLY B 246 -10.04 -24.43 14.98
C GLY B 246 -11.44 -24.89 15.31
N GLN B 247 -12.38 -24.62 14.40
CA GLN B 247 -13.78 -24.91 14.63
C GLN B 247 -14.40 -25.14 13.25
N PRO B 248 -15.58 -25.80 13.19
CA PRO B 248 -16.19 -25.95 11.89
C PRO B 248 -16.98 -24.68 11.55
N ALA B 249 -17.64 -24.68 10.40
CA ALA B 249 -18.48 -23.57 9.94
C ALA B 249 -19.72 -24.19 9.25
N ILE B 250 -20.90 -23.62 9.47
CA ILE B 250 -22.07 -23.98 8.65
C ILE B 250 -21.86 -23.41 7.26
N HIS B 251 -21.86 -24.30 6.29
CA HIS B 251 -21.65 -23.91 4.91
C HIS B 251 -22.66 -24.59 3.96
N ARG B 252 -23.51 -23.80 3.30
CA ARG B 252 -24.47 -24.36 2.36
C ARG B 252 -24.44 -23.67 0.99
N GLN B 253 -24.84 -24.40 -0.04
CA GLN B 253 -24.81 -23.89 -1.42
C GLN B 253 -26.11 -24.10 -2.14
N GLU B 254 -26.68 -23.02 -2.66
CA GLU B 254 -27.75 -23.09 -3.61
C GLU B 254 -27.34 -24.07 -4.70
N HIS B 255 -28.26 -24.99 -5.00
CA HIS B 255 -28.03 -25.99 -6.04
C HIS B 255 -27.81 -25.31 -7.41
N PRO B 256 -26.71 -25.64 -8.09
CA PRO B 256 -26.46 -24.89 -9.34
C PRO B 256 -27.39 -25.30 -10.50
N HIS B 257 -27.83 -24.33 -11.31
CA HIS B 257 -28.48 -24.67 -12.60
C HIS B 257 -27.47 -25.31 -13.53
N ARG B 258 -28.01 -25.90 -14.59
CA ARG B 258 -27.27 -26.34 -15.75
C ARG B 258 -26.60 -25.13 -16.40
N VAL B 259 -25.40 -25.35 -16.90
CA VAL B 259 -24.60 -24.28 -17.47
C VAL B 259 -25.21 -23.69 -18.74
N PRO B 260 -25.27 -22.35 -18.81
CA PRO B 260 -25.70 -21.83 -20.09
C PRO B 260 -24.74 -22.26 -21.21
N VAL B 261 -25.33 -22.71 -22.33
CA VAL B 261 -24.63 -23.10 -23.55
C VAL B 261 -23.53 -22.10 -23.94
N HIS B 262 -23.83 -20.80 -23.99
CA HIS B 262 -22.83 -19.80 -24.40
C HIS B 262 -21.68 -19.69 -23.41
N ILE B 263 -21.85 -20.10 -22.16
CA ILE B 263 -20.70 -20.19 -21.25
C ILE B 263 -19.93 -21.51 -21.43
N ALA B 264 -20.65 -22.63 -21.53
CA ALA B 264 -20.00 -23.89 -21.78
C ALA B 264 -19.13 -23.84 -23.06
N GLU B 265 -19.51 -23.03 -24.04
CA GLU B 265 -18.90 -23.09 -25.35
C GLU B 265 -17.86 -22.01 -25.58
N ARG B 266 -17.30 -21.44 -24.51
CA ARG B 266 -16.19 -20.49 -24.67
C ARG B 266 -14.82 -21.13 -24.34
N VAL B 267 -13.76 -20.63 -24.97
CA VAL B 267 -12.41 -21.15 -24.70
C VAL B 267 -11.64 -20.08 -23.96
N GLY B 268 -11.15 -20.46 -22.77
CA GLY B 268 -10.60 -19.51 -21.78
C GLY B 268 -9.32 -18.76 -22.18
N TYR B 269 -8.56 -19.36 -23.11
CA TYR B 269 -7.24 -18.87 -23.45
C TYR B 269 -6.77 -19.35 -24.83
N ASP B 270 -5.74 -18.68 -25.32
CA ASP B 270 -5.12 -18.96 -26.58
C ASP B 270 -4.09 -20.09 -26.39
N VAL B 271 -4.42 -21.28 -26.86
CA VAL B 271 -3.54 -22.42 -26.72
C VAL B 271 -2.18 -22.20 -27.38
N GLU B 272 -2.17 -21.73 -28.62
CA GLU B 272 -0.91 -21.55 -29.34
C GLU B 272 0.07 -20.60 -28.62
N ALA B 273 -0.44 -19.45 -28.18
CA ALA B 273 0.39 -18.48 -27.46
C ALA B 273 0.82 -19.07 -26.14
N THR B 274 -0.04 -19.86 -25.51
CA THR B 274 0.33 -20.45 -24.24
C THR B 274 1.49 -21.44 -24.44
N LEU B 275 1.43 -22.22 -25.52
CA LEU B 275 2.47 -23.20 -25.80
C LEU B 275 3.75 -22.47 -26.12
N HIS B 276 3.67 -21.40 -26.89
CA HIS B 276 4.85 -20.63 -27.27
C HIS B 276 5.54 -20.02 -26.04
N ARG B 277 4.72 -19.58 -25.08
CA ARG B 277 5.17 -18.83 -23.92
C ARG B 277 5.97 -19.72 -22.98
N LEU B 278 5.69 -21.01 -23.04
CA LEU B 278 6.37 -22.00 -22.23
C LEU B 278 7.87 -22.17 -22.60
N MET B 279 8.27 -21.65 -23.76
CA MET B 279 9.63 -21.81 -24.26
C MET B 279 10.37 -20.51 -24.11
N GLN B 280 9.72 -19.50 -23.50
CA GLN B 280 10.32 -18.18 -23.38
C GLN B 280 10.70 -17.82 -21.95
N HIS B 281 11.52 -16.77 -21.79
CA HIS B 281 11.91 -16.27 -20.47
C HIS B 281 12.62 -17.27 -19.60
N TRP B 282 13.35 -18.18 -20.22
CA TRP B 282 14.24 -19.04 -19.47
C TRP B 282 15.51 -18.31 -18.96
N THR B 283 16.07 -18.83 -17.87
CA THR B 283 17.33 -18.37 -17.32
C THR B 283 17.99 -19.60 -16.74
N PRO B 284 19.34 -19.63 -16.71
CA PRO B 284 20.07 -20.73 -16.08
C PRO B 284 19.66 -20.90 -14.61
N ARG B 285 19.28 -19.84 -13.92
CA ARG B 285 18.84 -20.02 -12.54
C ARG B 285 17.51 -20.81 -12.46
N GLN B 286 16.57 -20.49 -13.36
CA GLN B 286 15.35 -21.29 -13.49
C GLN B 286 15.70 -22.75 -13.64
N VAL B 287 16.64 -23.04 -14.55
CA VAL B 287 17.10 -24.41 -14.80
C VAL B 287 17.73 -25.05 -13.57
N GLU B 288 18.42 -24.28 -12.74
CA GLU B 288 19.01 -24.84 -11.52
C GLU B 288 17.95 -25.06 -10.44
N LEU B 289 17.02 -24.13 -10.31
CA LEU B 289 15.94 -24.30 -9.33
C LEU B 289 15.10 -25.59 -9.53
N LEU B 290 14.98 -26.06 -10.77
CA LEU B 290 14.18 -27.26 -11.08
C LEU B 290 14.73 -28.50 -10.43
N GLU B 291 16.00 -28.42 -10.11
CA GLU B 291 16.70 -29.49 -9.41
C GLU B 291 16.00 -29.81 -8.10
N LEU B 292 15.24 -28.85 -7.54
CA LEU B 292 14.38 -29.07 -6.34
C LEU B 292 13.16 -29.99 -6.54
N PHE B 293 12.73 -30.18 -7.81
CA PHE B 293 11.52 -30.94 -8.09
C PHE B 293 11.84 -32.39 -8.45
N THR B 294 10.83 -33.24 -8.36
CA THR B 294 10.90 -34.64 -8.77
C THR B 294 11.38 -34.79 -10.23
N THR B 295 11.98 -35.94 -10.52
CA THR B 295 12.56 -36.17 -11.84
C THR B 295 11.64 -35.89 -13.04
N PRO B 296 10.39 -36.42 -13.02
CA PRO B 296 9.55 -36.23 -14.20
C PRO B 296 9.19 -34.77 -14.42
N VAL B 297 9.02 -34.03 -13.33
CA VAL B 297 8.72 -32.60 -13.43
C VAL B 297 9.95 -31.82 -13.82
N ARG B 298 11.11 -32.26 -13.33
CA ARG B 298 12.37 -31.63 -13.66
C ARG B 298 12.65 -31.83 -15.12
N GLU B 299 12.59 -33.08 -15.59
CA GLU B 299 12.93 -33.27 -16.99
CA GLU B 299 12.83 -33.46 -17.00
C GLU B 299 11.80 -32.81 -17.92
N GLY B 300 10.53 -32.89 -17.47
CA GLY B 300 9.40 -32.38 -18.26
C GLY B 300 9.56 -30.90 -18.59
N LEU B 301 9.79 -30.09 -17.57
CA LEU B 301 9.90 -28.65 -17.75
C LEU B 301 11.17 -28.28 -18.49
N ARG B 302 12.25 -29.02 -18.29
CA ARG B 302 13.48 -28.71 -19.03
C ARG B 302 13.26 -28.87 -20.53
N THR B 303 12.51 -29.92 -20.90
CA THR B 303 12.13 -30.12 -22.29
C THR B 303 11.52 -28.86 -22.91
N CYS B 304 10.77 -28.10 -22.10
CA CYS B 304 10.09 -26.90 -22.59
C CYS B 304 11.06 -25.85 -23.12
N GLN B 305 12.36 -25.97 -22.85
CA GLN B 305 13.30 -25.03 -23.48
C GLN B 305 13.33 -25.26 -24.99
N ARG B 306 13.03 -26.48 -25.42
CA ARG B 306 13.09 -26.84 -26.84
C ARG B 306 11.70 -26.99 -27.49
N ARG B 307 10.72 -27.47 -26.75
CA ARG B 307 9.42 -27.74 -27.32
C ARG B 307 8.41 -27.86 -26.20
N PRO B 308 7.14 -27.53 -26.48
CA PRO B 308 6.14 -27.60 -25.41
C PRO B 308 5.99 -29.02 -24.88
N ALA B 309 5.99 -29.19 -23.57
CA ALA B 309 5.77 -30.48 -22.97
C ALA B 309 4.84 -30.32 -21.80
N PHE B 310 3.94 -31.28 -21.59
CA PHE B 310 2.97 -31.13 -20.51
C PHE B 310 2.29 -32.41 -20.12
N ASN B 311 2.39 -33.44 -20.95
CA ASN B 311 1.84 -34.73 -20.55
C ASN B 311 2.28 -35.13 -19.16
N PHE B 312 3.52 -34.79 -18.79
CA PHE B 312 4.05 -35.26 -17.50
C PHE B 312 3.27 -34.63 -16.31
N MET B 313 2.68 -33.46 -16.52
CA MET B 313 2.11 -32.71 -15.40
C MET B 313 0.65 -33.16 -15.12
N ASP B 314 0.52 -34.45 -14.75
CA ASP B 314 -0.77 -34.99 -14.34
C ASP B 314 -1.06 -34.62 -12.88
N GLU B 315 -2.13 -35.21 -12.34
CA GLU B 315 -2.62 -34.91 -11.01
C GLU B 315 -1.61 -35.09 -9.87
N MET B 316 -0.94 -36.25 -9.85
CA MET B 316 0.04 -36.59 -8.80
C MET B 316 1.23 -35.65 -8.92
N ALA B 317 1.71 -35.45 -10.13
CA ALA B 317 2.90 -34.68 -10.33
C ALA B 317 2.63 -33.24 -9.90
N TRP B 318 1.40 -32.82 -10.03
CA TRP B 318 1.07 -31.45 -9.67
C TRP B 318 1.06 -31.36 -8.14
N ALA B 319 0.50 -32.37 -7.47
CA ALA B 319 0.49 -32.39 -6.01
C ALA B 319 1.94 -32.28 -5.47
N ALA B 320 2.84 -33.13 -5.97
CA ALA B 320 4.25 -33.13 -5.60
C ALA B 320 4.88 -31.77 -5.90
N THR B 321 4.60 -31.24 -7.10
CA THR B 321 5.04 -29.91 -7.45
C THR B 321 4.54 -28.86 -6.46
N TYR B 322 3.30 -29.00 -6.03
CA TYR B 322 2.72 -28.02 -5.11
C TYR B 322 3.53 -28.03 -3.76
N HIS B 323 3.98 -29.20 -3.32
CA HIS B 323 4.62 -29.32 -2.01
C HIS B 323 6.00 -28.70 -2.04
N VAL B 324 6.75 -28.96 -3.11
CA VAL B 324 7.99 -28.25 -3.35
C VAL B 324 7.82 -26.71 -3.45
N LEU B 325 6.80 -26.23 -4.14
CA LEU B 325 6.57 -24.79 -4.22
C LEU B 325 6.24 -24.23 -2.85
N LEU B 326 5.39 -24.89 -2.10
CA LEU B 326 5.01 -24.40 -0.76
C LEU B 326 6.23 -24.21 0.11
N GLU B 327 7.22 -25.08 -0.09
CA GLU B 327 8.44 -25.08 0.68
C GLU B 327 9.50 -24.16 0.14
N HIS B 328 9.61 -24.00 -1.17
CA HIS B 328 10.77 -23.29 -1.74
C HIS B 328 10.50 -22.00 -2.50
N PHE B 329 9.24 -21.75 -2.86
CA PHE B 329 8.91 -20.63 -3.71
C PHE B 329 9.09 -19.33 -2.96
N GLN B 330 9.66 -18.34 -3.63
CA GLN B 330 9.76 -17.04 -3.04
C GLN B 330 9.08 -15.97 -3.84
N PRO B 331 7.93 -15.49 -3.35
CA PRO B 331 7.32 -14.33 -3.94
C PRO B 331 8.36 -13.21 -4.02
N GLY B 332 8.40 -12.51 -5.16
CA GLY B 332 9.36 -11.43 -5.37
C GLY B 332 10.64 -11.89 -6.05
N ASP B 333 10.96 -13.18 -6.01
CA ASP B 333 12.05 -13.64 -6.84
C ASP B 333 11.60 -13.93 -8.31
N PRO B 334 12.11 -13.14 -9.28
CA PRO B 334 11.66 -13.23 -10.69
C PRO B 334 11.79 -14.63 -11.27
N ASP B 335 12.86 -15.35 -10.93
CA ASP B 335 13.01 -16.71 -11.38
C ASP B 335 11.99 -17.68 -10.74
N TRP B 336 11.72 -17.57 -9.44
CA TRP B 336 10.69 -18.37 -8.84
C TRP B 336 9.31 -18.06 -9.45
N GLU B 337 9.05 -16.79 -9.71
CA GLU B 337 7.79 -16.41 -10.24
C GLU B 337 7.58 -17.00 -11.64
N GLU B 338 8.61 -16.93 -12.47
CA GLU B 338 8.51 -17.41 -13.82
C GLU B 338 8.38 -18.93 -13.80
N LEU B 339 9.03 -19.57 -12.84
CA LEU B 339 8.98 -21.01 -12.76
C LEU B 339 7.58 -21.46 -12.31
N LEU B 340 7.00 -20.73 -11.36
CA LEU B 340 5.70 -21.08 -10.91
C LEU B 340 4.75 -20.92 -12.12
N PHE B 341 4.94 -19.86 -12.88
CA PHE B 341 4.08 -19.58 -14.00
C PHE B 341 4.19 -20.68 -15.06
N LYS B 342 5.40 -21.13 -15.35
CA LYS B 342 5.57 -22.23 -16.32
C LYS B 342 5.02 -23.54 -15.81
N LEU B 343 5.24 -23.82 -14.52
CA LEU B 343 4.79 -25.06 -13.94
C LEU B 343 3.25 -25.13 -14.00
N TRP B 344 2.60 -24.03 -13.61
CA TRP B 344 1.16 -23.95 -13.64
C TRP B 344 0.65 -24.08 -15.08
N THR B 345 1.31 -23.42 -16.03
CA THR B 345 0.99 -23.55 -17.44
C THR B 345 0.99 -25.00 -17.90
N THR B 346 1.94 -25.79 -17.44
CA THR B 346 1.96 -27.16 -17.92
C THR B 346 0.82 -27.91 -17.31
N ARG B 347 0.41 -27.53 -16.09
CA ARG B 347 -0.74 -28.18 -15.48
C ARG B 347 -2.04 -27.81 -16.23
N VAL B 348 -2.24 -26.54 -16.54
CA VAL B 348 -3.41 -26.12 -17.28
C VAL B 348 -3.41 -26.82 -18.65
N LEU B 349 -2.27 -26.87 -19.34
CA LEU B 349 -2.25 -27.56 -20.63
C LEU B 349 -2.58 -29.04 -20.48
N ASN B 350 -2.06 -29.68 -19.45
CA ASN B 350 -2.34 -31.11 -19.31
C ASN B 350 -3.85 -31.34 -19.08
N TYR B 351 -4.42 -30.50 -18.25
CA TYR B 351 -5.81 -30.59 -17.88
C TYR B 351 -6.64 -30.34 -19.12
N THR B 352 -6.25 -29.34 -19.90
CA THR B 352 -6.98 -28.97 -21.11
C THR B 352 -7.02 -30.16 -22.12
N MET B 353 -5.86 -30.78 -22.41
CA MET B 353 -5.80 -31.83 -23.41
C MET B 353 -6.33 -33.17 -22.95
N THR B 354 -6.26 -33.51 -21.67
CA THR B 354 -6.62 -34.85 -21.21
C THR B 354 -7.95 -34.82 -20.48
N VAL B 355 -8.45 -33.64 -20.15
CA VAL B 355 -9.71 -33.57 -19.40
C VAL B 355 -10.73 -32.67 -20.09
N ALA B 356 -10.41 -31.39 -20.35
CA ALA B 356 -11.41 -30.44 -20.85
C ALA B 356 -11.87 -30.83 -22.24
N LEU B 357 -10.97 -31.43 -22.98
CA LEU B 357 -11.19 -31.86 -24.33
C LEU B 357 -12.20 -33.05 -24.37
N ARG B 358 -12.45 -33.71 -23.22
CA ARG B 358 -13.48 -34.75 -23.15
C ARG B 358 -14.87 -34.18 -22.88
N GLY B 359 -14.97 -32.86 -22.73
CA GLY B 359 -16.28 -32.21 -22.55
C GLY B 359 -16.58 -31.62 -21.19
N TYR B 360 -17.50 -30.68 -21.19
CA TYR B 360 -17.86 -29.95 -20.01
C TYR B 360 -18.12 -30.81 -18.76
N ASP B 361 -18.98 -31.83 -18.89
CA ASP B 361 -19.48 -32.61 -17.76
C ASP B 361 -18.35 -33.48 -17.27
N TYR B 362 -17.53 -33.98 -18.19
CA TYR B 362 -16.42 -34.80 -17.77
C TYR B 362 -15.43 -33.90 -16.97
N ALA B 363 -15.13 -32.74 -17.50
CA ALA B 363 -14.20 -31.80 -16.88
C ALA B 363 -14.67 -31.34 -15.47
N GLN B 364 -15.91 -30.93 -15.34
CA GLN B 364 -16.52 -30.58 -14.07
C GLN B 364 -16.39 -31.75 -13.07
N GLN B 365 -16.79 -32.94 -13.50
CA GLN B 365 -16.72 -34.13 -12.66
C GLN B 365 -15.28 -34.37 -12.19
N TYR B 366 -14.33 -34.27 -13.11
CA TYR B 366 -12.94 -34.51 -12.82
C TYR B 366 -12.43 -33.55 -11.72
N LEU B 367 -12.81 -32.27 -11.84
CA LEU B 367 -12.30 -31.25 -10.97
C LEU B 367 -12.70 -31.55 -9.51
N TYR B 368 -13.97 -31.86 -9.31
CA TYR B 368 -14.46 -32.23 -7.99
C TYR B 368 -13.79 -33.47 -7.45
N ARG B 369 -13.55 -34.45 -8.31
CA ARG B 369 -12.91 -35.68 -7.85
C ARG B 369 -11.46 -35.46 -7.54
N MET B 370 -10.80 -34.56 -8.29
CA MET B 370 -9.42 -34.16 -8.01
C MET B 370 -9.33 -33.64 -6.56
N LEU B 371 -10.22 -32.75 -6.18
CA LEU B 371 -10.21 -32.21 -4.85
C LEU B 371 -10.34 -33.33 -3.84
N GLY B 372 -11.30 -34.23 -4.10
CA GLY B 372 -11.56 -35.41 -3.28
C GLY B 372 -10.33 -36.27 -3.09
N ARG B 373 -9.60 -36.58 -4.16
CA ARG B 373 -8.44 -37.43 -3.98
C ARG B 373 -7.36 -36.64 -3.21
N TYR B 374 -7.25 -35.34 -3.46
CA TYR B 374 -6.27 -34.52 -2.75
C TYR B 374 -6.55 -34.51 -1.24
N ARG B 375 -7.83 -34.37 -0.86
CA ARG B 375 -8.21 -34.38 0.56
C ARG B 375 -7.81 -35.70 1.19
N TYR B 376 -8.13 -36.80 0.50
CA TYR B 376 -7.86 -38.13 1.05
CA TYR B 376 -7.86 -38.15 0.99
C TYR B 376 -6.36 -38.41 1.15
N GLN B 377 -5.58 -37.99 0.16
CA GLN B 377 -4.13 -38.15 0.25
C GLN B 377 -3.59 -37.40 1.45
N ALA B 378 -4.04 -36.16 1.60
CA ALA B 378 -3.56 -35.29 2.64
C ALA B 378 -3.94 -35.81 4.01
N ALA B 379 -5.12 -36.41 4.12
CA ALA B 379 -5.59 -36.92 5.40
C ALA B 379 -4.88 -38.21 5.80
N LEU B 380 -4.26 -38.91 4.86
CA LEU B 380 -3.44 -40.07 5.18
C LEU B 380 -2.04 -39.68 5.65
N GLU B 381 -1.47 -38.64 5.03
CA GLU B 381 -0.12 -38.16 5.29
C GLU B 381 0.01 -37.40 6.62
N ASN B 382 -1.12 -36.93 7.19
CA ASN B 382 -1.15 -36.22 8.49
C ASN B 382 -1.06 -37.14 9.72
MG MG C . 1.66 16.35 12.17
PB GDP D . 3.43 14.49 10.05
O1B GDP D . 3.43 13.34 11.06
O2B GDP D . 3.01 15.80 10.73
O3B GDP D . 4.81 14.60 9.42
O3A GDP D . 2.38 14.05 8.88
PA GDP D . 0.80 14.31 8.90
O1A GDP D . 0.07 12.99 8.90
O2A GDP D . 0.36 15.21 10.05
O5' GDP D . 0.74 15.09 7.52
C5' GDP D . 1.55 16.24 7.24
C4' GDP D . 0.70 17.27 6.49
O4' GDP D . 0.46 16.94 5.11
C3' GDP D . -0.68 17.42 7.09
O3' GDP D . -1.06 18.77 6.90
C2' GDP D . -1.53 16.47 6.24
O2' GDP D . -2.89 16.85 6.20
C1' GDP D . -0.91 16.63 4.86
N9 GDP D . -0.96 15.43 4.02
C8 GDP D . -0.51 14.18 4.34
N7 GDP D . -0.67 13.32 3.29
C5 GDP D . -1.23 14.03 2.29
C6 GDP D . -1.69 13.74 0.91
O6 GDP D . -1.57 12.61 0.41
N1 GDP D . -2.21 14.76 0.19
C2 GDP D . -2.34 16.01 0.70
N2 GDP D . -2.89 16.98 -0.09
N3 GDP D . -1.95 16.34 1.95
C4 GDP D . -1.42 15.41 2.77
CL CL E . 11.09 12.45 11.01
C FMT F . 8.05 13.98 5.32
O1 FMT F . 7.55 14.66 6.25
O2 FMT F . 8.78 14.36 4.36
C FMT G . -5.87 42.20 5.48
O1 FMT G . -6.02 41.63 4.40
O2 FMT G . -6.24 41.77 6.57
C FMT H . 19.37 37.25 9.75
O1 FMT H . 19.45 37.76 10.90
O2 FMT H . 20.27 36.77 9.01
MG MG I . -13.89 -8.91 -13.26
PB GDP J . -10.92 -10.68 -12.74
PB GDP J . -8.70 -7.79 -14.66
O1B GDP J . -9.87 -11.38 -13.59
O1B GDP J . -9.25 -6.86 -15.72
O2B GDP J . -12.24 -10.55 -13.51
O2B GDP J . -9.13 -9.22 -14.92
O3B GDP J . -11.13 -11.42 -11.43
O3B GDP J . -7.19 -7.73 -14.63
O3A GDP J . -10.30 -9.26 -12.31
O3A GDP J . -9.20 -7.38 -13.18
PA GDP J . -10.73 -7.82 -12.90
PA GDP J . -10.71 -7.57 -12.67
O1A GDP J . -9.69 -7.30 -13.86
O1A GDP J . -11.62 -6.64 -13.44
O2A GDP J . -12.08 -7.92 -13.59
O2A GDP J . -11.21 -9.00 -12.77
O5' GDP J . -10.78 -6.94 -11.55
O5' GDP J . -10.61 -7.16 -11.10
C5' GDP J . -11.53 -7.36 -10.42
C5' GDP J . -11.65 -7.48 -10.19
C4' GDP J . -12.27 -6.17 -9.85
C4' GDP J . -12.31 -6.19 -9.74
O4' GDP J . -11.41 -5.48 -8.94
O4' GDP J . -11.42 -5.48 -8.87
C3' GDP J . -12.59 -5.14 -10.92
C3' GDP J . -12.60 -5.24 -10.88
O3' GDP J . -13.72 -4.38 -10.47
O3' GDP J . -13.71 -4.43 -10.48
C2' GDP J . -11.34 -4.28 -10.94
C2' GDP J . -11.33 -4.40 -10.94
O2' GDP J . -11.59 -2.96 -11.42
O2' GDP J . -11.56 -3.10 -11.49
C1' GDP J . -11.01 -4.22 -9.48
C1' GDP J . -11.01 -4.26 -9.48
N9 GDP J . -9.57 -4.02 -9.21
N9 GDP J . -9.57 -4.06 -9.22
C8 GDP J . -8.53 -4.72 -9.72
C8 GDP J . -8.53 -4.76 -9.73
N7 GDP J . -7.35 -4.28 -9.20
N7 GDP J . -7.35 -4.30 -9.21
C5 GDP J . -7.65 -3.27 -8.35
C5 GDP J . -7.65 -3.29 -8.37
C6 GDP J . -6.88 -2.34 -7.48
C6 GDP J . -6.90 -2.35 -7.50
O6 GDP J . -5.64 -2.40 -7.42
O6 GDP J . -5.65 -2.40 -7.44
N1 GDP J . -7.58 -1.44 -6.77
N1 GDP J . -7.60 -1.46 -6.79
C2 GDP J . -8.94 -1.37 -6.81
C2 GDP J . -8.94 -1.38 -6.84
N2 GDP J . -9.58 -0.44 -6.06
N2 GDP J . -9.58 -0.45 -6.08
N3 GDP J . -9.68 -2.18 -7.59
N3 GDP J . -9.69 -2.20 -7.60
C4 GDP J . -9.11 -3.11 -8.36
C4 GDP J . -9.11 -3.14 -8.37
CL CL K . -9.47 -18.08 -11.24
C TRS L . -34.12 3.78 -1.15
C1 TRS L . -34.40 5.26 -1.36
C2 TRS L . -33.31 3.24 -2.34
C3 TRS L . -35.42 2.99 -1.03
N TRS L . -33.32 3.66 0.09
O1 TRS L . -34.83 5.87 -0.18
O2 TRS L . -32.10 2.69 -1.91
O3 TRS L . -36.01 2.81 -2.30
C FMT M . -8.53 -13.06 -7.00
O1 FMT M . -8.72 -13.22 -5.76
O2 FMT M . -9.36 -12.71 -7.89
C FMT N . 4.47 -13.14 2.10
O1 FMT N . 3.79 -12.86 3.12
O2 FMT N . 4.12 -13.67 1.01
C FMT O . 5.61 -7.66 4.14
O1 FMT O . 6.33 -8.68 3.98
O2 FMT O . 4.75 -7.54 5.06
#